data_4BEM
#
_entry.id   4BEM
#
_cell.length_a   121.170
_cell.length_b   121.170
_cell.length_c   150.570
_cell.angle_alpha   90.00
_cell.angle_beta   90.00
_cell.angle_gamma   90.00
#
_symmetry.space_group_name_H-M   'P 43 21 2'
#
loop_
_entity.id
_entity.type
_entity.pdbx_description
1 polymer 'F1FO ATPASE C2 SUBUNIT'
2 polymer 'F1FO ATPASE C1 SUBUNIT'
3 non-polymer 'SODIUM ION'
4 non-polymer 'heptyl 1-thio-beta-D-glucopyranoside'
5 non-polymer 'MANGANESE (II) ION'
6 non-polymer TRIS(HYDROXYETHYL)AMINOMETHANE
7 non-polymer 'HEXAETHYLENE GLYCOL'
8 non-polymer 'ACETATE ION'
9 water water
#
loop_
_entity_poly.entity_id
_entity_poly.type
_entity_poly.pdbx_seq_one_letter_code
_entity_poly.pdbx_strand_id
1 'polypeptide(L)'
;(FME)EGLDFIKACSAIGAGIAMIAGVGPGIGQGFAAGKGAEAVGRQPEAQSDIIRTMLLGAAVAETTGIYGLIVALILL
FANPFF
;
A,B,C,D,E,F,G,H,I
2 'polypeptide(L)'
;(FME)IGDMNIVDFVIQFLSQFDPVDVIKGFSALGIGLAMVAGVGPGIGQGFAAGKGAEAVGKNPTKSNDIVMIMLLGAA
VAETSGIFSLVIALILLFANPFISSTASVWILSASAMASGIAMIAGIGPGTGQGYAAGKGAEAVGIRPEMKSAILRVMLL
GQAVAQTTGIYALIVALILMYANPFL
;
J
#
loop_
_chem_comp.id
_chem_comp.type
_chem_comp.name
_chem_comp.formula
ACT non-polymer 'ACETATE ION' 'C2 H3 O2 -1'
HTG D-saccharide 'heptyl 1-thio-beta-D-glucopyranoside' 'C13 H26 O5 S'
MN non-polymer 'MANGANESE (II) ION' 'Mn 2'
NA non-polymer 'SODIUM ION' 'Na 1'
P6G non-polymer 'HEXAETHYLENE GLYCOL' 'C12 H26 O7'
TAM non-polymer TRIS(HYDROXYETHYL)AMINOMETHANE 'C7 H17 N O3'
#
# COMPACT_ATOMS: atom_id res chain seq x y z
N FME A 1 -31.46 -4.92 17.56
CN FME A 1 -30.13 -4.71 17.85
O1 FME A 1 -29.78 -4.54 19.01
CA FME A 1 -31.63 -4.98 16.11
CB FME A 1 -32.27 -6.31 15.71
CG FME A 1 -31.64 -7.45 16.48
SD FME A 1 -31.21 -8.78 15.41
CE FME A 1 -30.21 -9.93 16.31
C FME A 1 -32.50 -3.83 15.71
O FME A 1 -33.16 -3.86 14.67
N GLU A 2 -32.52 -2.80 16.55
CA GLU A 2 -33.10 -1.53 16.19
C GLU A 2 -32.16 -0.82 15.22
N GLY A 3 -32.70 0.08 14.42
CA GLY A 3 -31.91 0.81 13.45
C GLY A 3 -30.84 1.65 14.14
N LEU A 4 -31.19 2.16 15.31
CA LEU A 4 -30.28 2.97 16.11
C LEU A 4 -28.98 2.23 16.40
N ASP A 5 -29.11 0.99 16.84
CA ASP A 5 -27.95 0.17 17.15
C ASP A 5 -27.11 -0.07 15.91
N PHE A 6 -27.76 -0.21 14.75
CA PHE A 6 -26.99 -0.42 13.52
C PHE A 6 -26.23 0.85 13.11
N ILE A 7 -26.82 2.01 13.41
CA ILE A 7 -26.12 3.28 13.19
C ILE A 7 -24.89 3.36 14.08
N LYS A 8 -25.05 3.00 15.35
CA LYS A 8 -23.94 3.05 16.31
C LYS A 8 -22.84 2.06 15.95
N ALA A 9 -23.23 0.85 15.54
CA ALA A 9 -22.27 -0.16 15.11
C ALA A 9 -21.43 0.32 13.92
N CYS A 10 -22.10 0.88 12.92
CA CYS A 10 -21.35 1.35 11.76
C CYS A 10 -20.54 2.60 12.09
N SER A 11 -20.95 3.32 13.13
CA SER A 11 -20.17 4.46 13.61
C SER A 11 -18.84 4.00 14.22
N ALA A 12 -18.86 2.89 14.94
CA ALA A 12 -17.63 2.29 15.47
C ALA A 12 -16.68 1.99 14.33
N ILE A 13 -17.20 1.30 13.32
CA ILE A 13 -16.37 0.94 12.18
C ILE A 13 -15.83 2.16 11.46
N GLY A 14 -16.70 3.12 11.16
CA GLY A 14 -16.28 4.35 10.52
C GLY A 14 -15.14 5.01 11.27
N ALA A 15 -15.27 5.04 12.60
CA ALA A 15 -14.27 5.64 13.48
C ALA A 15 -12.94 4.90 13.37
N GLY A 16 -12.99 3.58 13.45
CA GLY A 16 -11.79 2.77 13.30
C GLY A 16 -11.11 2.97 11.97
N ILE A 17 -11.90 3.04 10.90
CA ILE A 17 -11.34 3.24 9.56
C ILE A 17 -10.68 4.62 9.43
N ALA A 18 -11.26 5.63 10.08
CA ALA A 18 -10.67 6.97 10.09
C ALA A 18 -9.25 7.01 10.64
N MET A 19 -8.93 6.06 11.51
CA MET A 19 -7.61 6.07 12.13
C MET A 19 -6.50 5.58 11.19
N ILE A 20 -6.88 4.93 10.10
CA ILE A 20 -5.91 4.47 9.09
C ILE A 20 -5.16 5.67 8.47
N ALA A 21 -5.78 6.85 8.51
CA ALA A 21 -5.12 8.10 8.10
C ALA A 21 -3.79 8.30 8.83
N GLY A 22 -3.71 7.78 10.05
CA GLY A 22 -2.50 7.84 10.84
C GLY A 22 -1.28 7.16 10.25
N VAL A 23 -1.47 6.25 9.28
CA VAL A 23 -0.33 5.61 8.63
C VAL A 23 0.59 6.66 7.98
N GLY A 24 -0.01 7.69 7.42
CA GLY A 24 0.72 8.67 6.63
C GLY A 24 1.76 9.49 7.40
N PRO A 25 1.32 10.21 8.44
CA PRO A 25 2.27 11.02 9.22
C PRO A 25 3.35 10.16 9.88
N GLY A 26 3.00 8.93 10.25
CA GLY A 26 3.98 8.04 10.85
C GLY A 26 5.17 7.83 9.93
N ILE A 27 4.89 7.49 8.68
CA ILE A 27 5.94 7.33 7.67
C ILE A 27 6.67 8.65 7.36
N GLY A 28 5.91 9.70 7.11
CA GLY A 28 6.50 10.96 6.68
C GLY A 28 7.36 11.60 7.76
N GLN A 29 6.86 11.57 8.99
CA GLN A 29 7.59 12.14 10.11
C GLN A 29 8.82 11.31 10.45
N GLY A 30 8.74 10.01 10.17
CA GLY A 30 9.88 9.13 10.34
C GLY A 30 10.98 9.55 9.39
N PHE A 31 10.59 9.88 8.16
CA PHE A 31 11.56 10.39 7.20
C PHE A 31 12.18 11.66 7.74
N ALA A 32 11.36 12.54 8.28
CA ALA A 32 11.86 13.81 8.80
C ALA A 32 12.84 13.58 9.94
N ALA A 33 12.53 12.62 10.81
CA ALA A 33 13.39 12.27 11.95
C ALA A 33 14.78 11.83 11.50
N GLY A 34 14.80 10.97 10.50
CA GLY A 34 16.06 10.43 9.96
C GLY A 34 16.90 11.49 9.27
N LYS A 35 16.26 12.39 8.54
CA LYS A 35 17.02 13.50 7.93
C LYS A 35 17.52 14.44 9.00
N GLY A 36 16.74 14.65 10.04
CA GLY A 36 17.18 15.51 11.13
C GLY A 36 18.44 14.96 11.76
N ALA A 37 18.43 13.65 12.05
CA ALA A 37 19.58 13.00 12.68
C ALA A 37 20.80 13.09 11.78
N GLU A 38 20.58 12.83 10.50
CA GLU A 38 21.67 12.91 9.52
C GLU A 38 22.25 14.32 9.47
N ALA A 39 21.37 15.31 9.49
CA ALA A 39 21.81 16.70 9.35
C ALA A 39 22.50 17.24 10.60
N VAL A 40 21.99 16.88 11.77
CA VAL A 40 22.61 17.32 13.01
C VAL A 40 23.99 16.69 13.15
N GLY A 41 24.13 15.45 12.69
CA GLY A 41 25.40 14.77 12.72
C GLY A 41 26.42 15.49 11.87
N ARG A 42 26.02 15.83 10.64
CA ARG A 42 26.89 16.53 9.70
C ARG A 42 27.25 17.95 10.15
N GLN A 43 26.27 18.71 10.65
CA GLN A 43 26.53 20.08 11.10
C GLN A 43 25.87 20.42 12.44
N PRO A 44 26.51 19.97 13.54
CA PRO A 44 25.99 20.15 14.91
C PRO A 44 25.80 21.63 15.22
N GLU A 45 26.56 22.47 14.53
CA GLU A 45 26.50 23.91 14.76
C GLU A 45 25.15 24.48 14.30
N ALA A 46 24.49 23.82 13.35
CA ALA A 46 23.19 24.28 12.85
C ALA A 46 22.00 23.55 13.47
N GLN A 47 22.23 22.75 14.51
CA GLN A 47 21.18 21.86 15.01
C GLN A 47 19.89 22.56 15.44
N SER A 48 20.03 23.74 16.02
CA SER A 48 18.86 24.52 16.41
C SER A 48 17.97 24.86 15.20
N ASP A 49 18.59 25.25 14.09
CA ASP A 49 17.82 25.57 12.90
C ASP A 49 17.26 24.31 12.27
N ILE A 50 18.09 23.28 12.18
CA ILE A 50 17.67 21.98 11.67
C ILE A 50 16.46 21.44 12.42
N ILE A 51 16.54 21.43 13.76
CA ILE A 51 15.48 20.85 14.57
C ILE A 51 14.19 21.66 14.44
N ARG A 52 14.32 22.98 14.42
CA ARG A 52 13.17 23.85 14.24
C ARG A 52 12.47 23.61 12.89
N THR A 53 13.26 23.37 11.84
CA THR A 53 12.69 23.16 10.51
C THR A 53 11.99 21.82 10.42
N MET A 54 12.63 20.81 11.04
CA MET A 54 12.08 19.47 11.08
C MET A 54 10.75 19.44 11.83
N LEU A 55 10.67 20.16 12.93
CA LEU A 55 9.45 20.17 13.73
C LEU A 55 8.32 20.96 13.05
N LEU A 56 8.69 22.06 12.41
CA LEU A 56 7.72 22.87 11.68
C LEU A 56 7.11 22.05 10.55
N GLY A 57 7.97 21.42 9.78
CA GLY A 57 7.54 20.58 8.67
C GLY A 57 6.76 19.39 9.19
N ALA A 58 7.16 18.86 10.34
CA ALA A 58 6.46 17.71 10.90
C ALA A 58 5.06 18.09 11.42
N ALA A 59 4.91 19.30 11.92
CA ALA A 59 3.62 19.79 12.42
C ALA A 59 2.60 19.80 11.28
N VAL A 60 3.03 20.28 10.12
CA VAL A 60 2.22 20.31 8.92
C VAL A 60 1.79 18.90 8.51
N ALA A 61 2.75 17.98 8.55
CA ALA A 61 2.48 16.57 8.21
C ALA A 61 1.50 15.92 9.19
N GLU A 62 1.29 16.55 10.35
CA GLU A 62 0.42 15.97 11.35
C GLU A 62 -1.07 16.17 11.03
N THR A 63 -1.41 17.28 10.35
CA THR A 63 -2.81 17.70 10.19
C THR A 63 -3.81 16.62 9.75
N THR A 64 -3.44 15.81 8.76
CA THR A 64 -4.38 14.82 8.25
C THR A 64 -4.55 13.64 9.20
N GLY A 65 -3.58 13.46 10.10
CA GLY A 65 -3.73 12.52 11.19
C GLY A 65 -4.75 13.07 12.17
N ILE A 66 -4.67 14.37 12.43
CA ILE A 66 -5.63 15.03 13.31
C ILE A 66 -7.04 15.00 12.71
N TYR A 67 -7.15 15.22 11.40
CA TYR A 67 -8.47 15.22 10.75
C TYR A 67 -9.17 13.86 10.91
N GLY A 68 -8.39 12.79 10.84
CA GLY A 68 -8.93 11.45 11.02
C GLY A 68 -9.40 11.25 12.46
N LEU A 69 -8.57 11.70 13.40
CA LEU A 69 -8.91 11.59 14.81
C LEU A 69 -10.19 12.38 15.10
N ILE A 70 -10.30 13.57 14.54
CA ILE A 70 -11.46 14.42 14.79
C ILE A 70 -12.72 13.72 14.30
N VAL A 71 -12.65 13.11 13.11
CA VAL A 71 -13.79 12.39 12.58
C VAL A 71 -14.17 11.20 13.45
N ALA A 72 -13.16 10.45 13.90
CA ALA A 72 -13.40 9.35 14.84
C ALA A 72 -14.05 9.84 16.14
N LEU A 73 -13.55 10.97 16.66
CA LEU A 73 -14.07 11.51 17.92
C LEU A 73 -15.48 12.07 17.74
N ILE A 74 -15.76 12.57 16.54
CA ILE A 74 -17.10 13.05 16.24
C ILE A 74 -18.08 11.86 16.26
N LEU A 75 -17.72 10.80 15.54
CA LEU A 75 -18.57 9.62 15.49
C LEU A 75 -18.77 9.01 16.89
N LEU A 76 -17.73 9.09 17.71
CA LEU A 76 -17.78 8.56 19.07
C LEU A 76 -18.58 9.41 20.06
N PHE A 77 -18.38 10.73 20.04
CA PHE A 77 -18.87 11.58 21.13
C PHE A 77 -19.80 12.73 20.72
N ALA A 78 -19.94 12.96 19.42
CA ALA A 78 -20.80 14.03 18.93
C ALA A 78 -21.50 13.61 17.65
N ASN A 79 -21.99 12.37 17.65
CA ASN A 79 -22.64 11.78 16.50
C ASN A 79 -23.90 12.56 16.12
N PRO A 80 -23.97 12.99 14.84
CA PRO A 80 -25.10 13.74 14.28
C PRO A 80 -26.23 12.86 13.75
N PHE A 81 -25.99 11.55 13.75
CA PHE A 81 -26.97 10.61 13.20
C PHE A 81 -27.97 10.16 14.26
N PHE A 82 -27.74 10.56 15.50
CA PHE A 82 -28.70 10.33 16.58
C PHE A 82 -28.49 11.32 17.73
N FME B 1 -35.45 -3.13 8.54
CN FME B 1 -35.01 -4.00 9.51
O1 FME B 1 -35.62 -4.11 10.55
CA FME B 1 -34.32 -2.33 8.09
CB FME B 1 -33.52 -3.03 7.01
CG FME B 1 -32.05 -2.96 7.38
SD FME B 1 -31.56 -1.28 7.62
CE FME B 1 -30.40 -1.17 8.93
C FME B 1 -34.82 -1.05 7.51
O FME B 1 -35.06 -0.94 6.31
N GLU B 2 -34.95 -0.05 8.38
CA GLU B 2 -35.45 1.27 8.02
C GLU B 2 -34.43 1.98 7.13
N GLY B 3 -34.89 2.44 5.97
CA GLY B 3 -34.03 3.04 4.97
C GLY B 3 -33.21 4.21 5.47
N LEU B 4 -33.82 5.04 6.31
CA LEU B 4 -33.14 6.18 6.93
C LEU B 4 -31.95 5.70 7.74
N ASP B 5 -32.18 4.67 8.54
CA ASP B 5 -31.12 4.12 9.39
C ASP B 5 -29.98 3.57 8.55
N PHE B 6 -30.29 2.88 7.46
CA PHE B 6 -29.23 2.31 6.63
C PHE B 6 -28.42 3.41 5.92
N ILE B 7 -29.10 4.49 5.54
CA ILE B 7 -28.42 5.63 4.92
C ILE B 7 -27.43 6.26 5.90
N LYS B 8 -27.92 6.53 7.11
CA LYS B 8 -27.11 7.14 8.16
C LYS B 8 -25.90 6.28 8.51
N ALA B 9 -26.15 4.98 8.68
CA ALA B 9 -25.07 4.04 9.01
C ALA B 9 -23.97 4.03 7.96
N CYS B 10 -24.37 3.96 6.70
CA CYS B 10 -23.38 3.91 5.61
C CYS B 10 -22.70 5.26 5.46
N SER B 11 -23.37 6.33 5.87
CA SER B 11 -22.76 7.65 5.86
C SER B 11 -21.58 7.71 6.83
N ALA B 12 -21.75 7.11 8.00
CA ALA B 12 -20.67 7.03 8.98
C ALA B 12 -19.47 6.27 8.41
N ILE B 13 -19.74 5.14 7.77
CA ILE B 13 -18.67 4.35 7.17
C ILE B 13 -17.94 5.12 6.05
N GLY B 14 -18.70 5.70 5.13
CA GLY B 14 -18.09 6.41 4.02
C GLY B 14 -17.29 7.60 4.50
N ALA B 15 -17.74 8.17 5.61
CA ALA B 15 -17.07 9.31 6.22
C ALA B 15 -15.68 8.90 6.69
N GLY B 16 -15.59 7.72 7.28
CA GLY B 16 -14.30 7.19 7.72
C GLY B 16 -13.42 6.86 6.54
N ILE B 17 -14.00 6.25 5.52
CA ILE B 17 -13.22 5.87 4.34
C ILE B 17 -12.61 7.09 3.67
N ALA B 18 -13.40 8.15 3.50
CA ALA B 18 -12.89 9.40 2.92
C ALA B 18 -11.60 9.90 3.60
N MET B 19 -11.42 9.59 4.87
CA MET B 19 -10.26 10.09 5.63
C MET B 19 -8.96 9.31 5.32
N ILE B 20 -9.10 8.18 4.63
CA ILE B 20 -7.91 7.43 4.21
C ILE B 20 -7.05 8.27 3.25
N ALA B 21 -7.69 9.23 2.58
CA ALA B 21 -7.00 10.19 1.73
C ALA B 21 -5.87 10.88 2.50
N GLY B 22 -6.04 10.96 3.82
CA GLY B 22 -5.09 11.66 4.66
C GLY B 22 -3.73 11.00 4.75
N VAL B 23 -3.64 9.74 4.35
CA VAL B 23 -2.36 9.05 4.32
C VAL B 23 -1.38 9.77 3.40
N GLY B 24 -1.90 10.28 2.28
CA GLY B 24 -1.05 10.87 1.24
C GLY B 24 -0.23 12.06 1.70
N PRO B 25 -0.90 13.14 2.12
CA PRO B 25 -0.15 14.33 2.56
C PRO B 25 0.77 14.02 3.73
N GLY B 26 0.37 13.10 4.61
CA GLY B 26 1.20 12.74 5.74
C GLY B 26 2.55 12.21 5.31
N ILE B 27 2.55 11.36 4.30
CA ILE B 27 3.80 10.85 3.75
C ILE B 27 4.56 11.94 3.00
N GLY B 28 3.89 12.59 2.05
CA GLY B 28 4.53 13.58 1.20
C GLY B 28 5.10 14.77 1.97
N GLN B 29 4.34 15.28 2.93
CA GLN B 29 4.77 16.47 3.66
C GLN B 29 5.90 16.16 4.65
N GLY B 30 5.90 14.94 5.16
CA GLY B 30 6.99 14.45 5.99
C GLY B 30 8.29 14.36 5.20
N PHE B 31 8.21 13.85 3.97
CA PHE B 31 9.35 13.89 3.07
C PHE B 31 9.80 15.34 2.91
N ALA B 32 8.84 16.25 2.66
CA ALA B 32 9.18 17.66 2.49
C ALA B 32 9.88 18.21 3.72
N ALA B 33 9.39 17.82 4.90
CA ALA B 33 9.97 18.28 6.16
C ALA B 33 11.43 17.82 6.28
N GLY B 34 11.69 16.57 5.97
CA GLY B 34 13.03 16.03 5.98
C GLY B 34 13.98 16.72 5.02
N LYS B 35 13.55 16.96 3.79
CA LYS B 35 14.43 17.62 2.82
C LYS B 35 14.69 19.05 3.27
N GLY B 36 13.66 19.68 3.82
CA GLY B 36 13.79 21.04 4.34
C GLY B 36 14.81 21.13 5.46
N ALA B 37 14.78 20.15 6.37
CA ALA B 37 15.72 20.12 7.50
C ALA B 37 17.14 19.90 7.00
N GLU B 38 17.26 18.99 6.03
CA GLU B 38 18.54 18.71 5.40
C GLU B 38 19.13 19.94 4.71
N ALA B 39 18.29 20.68 3.98
CA ALA B 39 18.76 21.86 3.26
C ALA B 39 19.16 23.01 4.20
N VAL B 40 18.41 23.16 5.30
CA VAL B 40 18.74 24.20 6.26
C VAL B 40 20.08 23.93 6.96
N GLY B 41 20.33 22.67 7.29
CA GLY B 41 21.59 22.28 7.91
C GLY B 41 22.74 22.52 6.96
N ARG B 42 22.51 22.25 5.69
CA ARG B 42 23.53 22.48 4.68
C ARG B 42 23.77 23.98 4.44
N GLN B 43 22.70 24.77 4.44
CA GLN B 43 22.84 26.20 4.15
C GLN B 43 21.91 27.07 5.00
N PRO B 44 22.28 27.29 6.27
CA PRO B 44 21.46 28.01 7.26
C PRO B 44 21.04 29.40 6.81
N GLU B 45 21.92 30.11 6.11
CA GLU B 45 21.63 31.47 5.68
C GLU B 45 20.50 31.54 4.65
N ALA B 46 20.21 30.41 4.00
CA ALA B 46 19.14 30.39 3.02
C ALA B 46 17.83 29.82 3.59
N GLN B 47 17.74 29.71 4.92
CA GLN B 47 16.63 28.96 5.52
C GLN B 47 15.26 29.62 5.32
N SER B 48 15.25 30.93 5.09
CA SER B 48 14.00 31.65 4.83
C SER B 48 13.41 31.20 3.49
N ASP B 49 14.25 31.15 2.47
CA ASP B 49 13.87 30.65 1.15
C ASP B 49 13.49 29.18 1.17
N ILE B 50 14.31 28.37 1.86
CA ILE B 50 14.04 26.94 1.95
C ILE B 50 12.68 26.67 2.58
N ILE B 51 12.42 27.33 3.70
CA ILE B 51 11.19 27.09 4.43
C ILE B 51 9.96 27.57 3.64
N ARG B 52 10.06 28.74 3.01
CA ARG B 52 8.94 29.27 2.22
C ARG B 52 8.55 28.31 1.11
N THR B 53 9.56 27.76 0.47
CA THR B 53 9.36 26.79 -0.61
C THR B 53 8.80 25.47 -0.08
N MET B 54 9.35 25.02 1.04
CA MET B 54 8.86 23.81 1.71
C MET B 54 7.38 23.94 2.06
N LEU B 55 7.02 25.09 2.63
CA LEU B 55 5.65 25.34 3.07
C LEU B 55 4.69 25.51 1.90
N LEU B 56 5.13 26.21 0.87
CA LEU B 56 4.30 26.45 -0.30
C LEU B 56 3.96 25.11 -0.94
N GLY B 57 4.96 24.26 -1.09
CA GLY B 57 4.79 22.97 -1.71
C GLY B 57 3.95 22.06 -0.83
N ALA B 58 4.16 22.12 0.47
CA ALA B 58 3.38 21.32 1.39
C ALA B 58 1.90 21.73 1.38
N ALA B 59 1.65 23.03 1.22
CA ALA B 59 0.27 23.52 1.11
C ALA B 59 -0.44 22.89 -0.08
N VAL B 60 0.22 22.86 -1.23
CA VAL B 60 -0.32 22.17 -2.39
C VAL B 60 -0.59 20.71 -2.06
N ALA B 61 0.30 20.08 -1.31
CA ALA B 61 0.13 18.68 -0.95
C ALA B 61 -1.02 18.44 0.02
N GLU B 62 -1.49 19.50 0.67
CA GLU B 62 -2.57 19.37 1.65
C GLU B 62 -3.96 19.18 1.02
N THR B 63 -4.17 19.75 -0.18
CA THR B 63 -5.53 19.86 -0.76
C THR B 63 -6.34 18.56 -0.79
N THR B 64 -5.73 17.45 -1.21
CA THR B 64 -6.50 16.20 -1.26
C THR B 64 -6.84 15.67 0.14
N GLY B 65 -6.09 16.10 1.15
CA GLY B 65 -6.46 15.82 2.53
C GLY B 65 -7.73 16.59 2.87
N ILE B 66 -7.77 17.87 2.47
CA ILE B 66 -8.95 18.69 2.68
C ILE B 66 -10.17 18.16 1.92
N TYR B 67 -9.96 17.70 0.69
CA TYR B 67 -11.07 17.15 -0.10
C TYR B 67 -11.72 15.98 0.63
N GLY B 68 -10.90 15.09 1.17
CA GLY B 68 -11.38 13.96 1.95
C GLY B 68 -12.17 14.42 3.16
N LEU B 69 -11.60 15.35 3.93
CA LEU B 69 -12.30 15.93 5.07
C LEU B 69 -13.64 16.55 4.67
N ILE B 70 -13.66 17.24 3.52
CA ILE B 70 -14.89 17.91 3.08
C ILE B 70 -16.01 16.90 2.81
N VAL B 71 -15.68 15.81 2.14
CA VAL B 71 -16.66 14.77 1.86
C VAL B 71 -17.20 14.15 3.16
N ALA B 72 -16.32 13.98 4.13
CA ALA B 72 -16.70 13.44 5.44
C ALA B 72 -17.62 14.40 6.20
N LEU B 73 -17.32 15.69 6.12
CA LEU B 73 -18.12 16.70 6.80
C LEU B 73 -19.46 16.90 6.11
N ILE B 74 -19.49 16.70 4.80
CA ILE B 74 -20.77 16.73 4.07
C ILE B 74 -21.67 15.58 4.51
N LEU B 75 -21.11 14.38 4.56
CA LEU B 75 -21.87 13.19 4.99
C LEU B 75 -22.38 13.32 6.43
N LEU B 76 -21.56 13.92 7.28
CA LEU B 76 -21.93 14.14 8.68
C LEU B 76 -22.93 15.29 8.89
N PHE B 77 -22.69 16.44 8.28
CA PHE B 77 -23.45 17.65 8.64
C PHE B 77 -24.25 18.33 7.55
N ALA B 78 -24.16 17.82 6.33
CA ALA B 78 -24.93 18.37 5.21
C ALA B 78 -25.27 17.27 4.23
N ASN B 79 -25.82 16.18 4.77
CA ASN B 79 -26.10 15.00 3.98
C ASN B 79 -27.26 15.22 3.03
N PRO B 80 -27.01 15.05 1.71
CA PRO B 80 -28.00 15.26 0.66
C PRO B 80 -29.02 14.12 0.56
N PHE B 81 -28.80 13.04 1.30
CA PHE B 81 -29.61 11.84 1.17
C PHE B 81 -30.80 11.77 2.12
N PHE B 82 -30.79 12.61 3.16
CA PHE B 82 -31.96 12.78 4.02
C PHE B 82 -32.07 14.23 4.48
N FME C 1 -36.63 -1.62 2.90
CN FME C 1 -37.94 -1.89 3.27
O1 FME C 1 -38.61 -2.59 2.54
CA FME C 1 -36.50 -0.19 2.65
CB FME C 1 -35.09 0.28 3.01
CG FME C 1 -34.03 -0.57 2.32
SD FME C 1 -32.43 0.01 2.78
CE FME C 1 -31.64 -1.26 3.72
C FME C 1 -36.73 0.04 1.18
O FME C 1 -36.64 -0.90 0.39
N GLU C 2 -37.03 1.27 0.81
CA GLU C 2 -37.17 1.58 -0.62
C GLU C 2 -35.83 1.41 -1.30
N GLY C 3 -35.89 1.05 -2.59
CA GLY C 3 -34.71 0.81 -3.38
C GLY C 3 -33.79 2.01 -3.45
N LEU C 4 -34.35 3.22 -3.39
CA LEU C 4 -33.50 4.40 -3.48
C LEU C 4 -32.74 4.73 -2.19
N ASP C 5 -33.28 4.32 -1.04
CA ASP C 5 -32.57 4.50 0.22
C ASP C 5 -31.33 3.62 0.25
N PHE C 6 -31.45 2.42 -0.30
CA PHE C 6 -30.30 1.53 -0.41
C PHE C 6 -29.26 2.12 -1.38
N ILE C 7 -29.74 2.62 -2.51
CA ILE C 7 -28.86 3.25 -3.49
C ILE C 7 -28.15 4.46 -2.87
N LYS C 8 -28.91 5.26 -2.13
CA LYS C 8 -28.33 6.40 -1.42
C LYS C 8 -27.21 5.98 -0.47
N ALA C 9 -27.48 4.97 0.35
CA ALA C 9 -26.51 4.49 1.33
C ALA C 9 -25.19 4.03 0.71
N CYS C 10 -25.29 3.25 -0.37
CA CYS C 10 -24.09 2.80 -1.06
C CYS C 10 -23.43 3.96 -1.80
N SER C 11 -24.23 4.93 -2.23
CA SER C 11 -23.69 6.13 -2.85
C SER C 11 -22.79 6.85 -1.86
N ALA C 12 -23.18 6.87 -0.59
CA ALA C 12 -22.32 7.45 0.45
C ALA C 12 -21.02 6.66 0.59
N ILE C 13 -21.12 5.33 0.52
CA ILE C 13 -19.92 4.50 0.56
C ILE C 13 -19.05 4.76 -0.67
N GLY C 14 -19.69 4.76 -1.84
CA GLY C 14 -18.97 4.97 -3.08
C GLY C 14 -18.28 6.31 -3.13
N ALA C 15 -18.89 7.30 -2.47
CA ALA C 15 -18.32 8.65 -2.39
C ALA C 15 -17.02 8.65 -1.57
N GLY C 16 -17.04 7.97 -0.42
CA GLY C 16 -15.87 7.87 0.43
C GLY C 16 -14.71 7.17 -0.24
N ILE C 17 -15.01 6.11 -0.98
CA ILE C 17 -13.97 5.33 -1.65
C ILE C 17 -13.29 6.17 -2.75
N ALA C 18 -14.09 6.99 -3.44
CA ALA C 18 -13.57 7.87 -4.48
C ALA C 18 -12.42 8.73 -3.97
N MET C 19 -12.49 9.11 -2.70
CA MET C 19 -11.51 10.05 -2.14
C MET C 19 -10.16 9.40 -1.84
N ILE C 20 -10.12 8.07 -1.84
CA ILE C 20 -8.85 7.37 -1.64
C ILE C 20 -7.81 7.81 -2.70
N ALA C 21 -8.31 8.10 -3.89
CA ALA C 21 -7.48 8.62 -4.98
C ALA C 21 -6.57 9.74 -4.50
N GLY C 22 -7.05 10.52 -3.53
CA GLY C 22 -6.32 11.63 -2.97
C GLY C 22 -5.01 11.25 -2.29
N VAL C 23 -4.82 9.98 -1.99
CA VAL C 23 -3.56 9.55 -1.42
C VAL C 23 -2.40 9.88 -2.37
N GLY C 24 -2.65 9.71 -3.67
CA GLY C 24 -1.61 9.87 -4.69
C GLY C 24 -0.96 11.23 -4.75
N PRO C 25 -1.75 12.28 -5.04
CA PRO C 25 -1.18 13.65 -5.12
C PRO C 25 -0.53 14.09 -3.80
N GLY C 26 -1.03 13.59 -2.67
CA GLY C 26 -0.47 13.97 -1.38
C GLY C 26 0.98 13.53 -1.26
N ILE C 27 1.23 12.27 -1.62
CA ILE C 27 2.58 11.76 -1.66
C ILE C 27 3.45 12.48 -2.70
N GLY C 28 2.98 12.46 -3.95
CA GLY C 28 3.74 13.00 -5.06
C GLY C 28 4.09 14.47 -4.95
N GLN C 29 3.11 15.30 -4.59
CA GLN C 29 3.35 16.74 -4.48
C GLN C 29 4.26 17.02 -3.29
N GLY C 30 4.13 16.21 -2.24
CA GLY C 30 4.99 16.32 -1.08
C GLY C 30 6.44 16.07 -1.47
N PHE C 31 6.65 15.08 -2.33
CA PHE C 31 7.96 14.79 -2.88
C PHE C 31 8.45 16.01 -3.66
N ALA C 32 7.57 16.59 -4.48
CA ALA C 32 7.95 17.77 -5.27
C ALA C 32 8.35 18.90 -4.34
N ALA C 33 7.62 19.04 -3.23
CA ALA C 33 7.89 20.09 -2.25
C ALA C 33 9.29 19.90 -1.66
N GLY C 34 9.63 18.66 -1.35
CA GLY C 34 10.93 18.35 -0.76
C GLY C 34 12.05 18.64 -1.74
N LYS C 35 11.88 18.24 -3.00
CA LYS C 35 12.90 18.47 -4.01
C LYS C 35 13.00 19.96 -4.30
N GLY C 36 11.87 20.66 -4.29
CA GLY C 36 11.88 22.10 -4.49
C GLY C 36 12.64 22.83 -3.39
N ALA C 37 12.42 22.45 -2.15
CA ALA C 37 13.12 23.07 -1.03
C ALA C 37 14.63 22.81 -1.12
N GLU C 38 14.97 21.58 -1.48
CA GLU C 38 16.38 21.21 -1.62
C GLU C 38 17.06 22.02 -2.71
N ALA C 39 16.40 22.17 -3.85
CA ALA C 39 17.00 22.90 -4.97
C ALA C 39 17.11 24.39 -4.68
N VAL C 40 16.13 24.93 -3.96
CA VAL C 40 16.19 26.36 -3.60
C VAL C 40 17.38 26.64 -2.68
N GLY C 41 17.61 25.77 -1.70
CA GLY C 41 18.72 25.93 -0.78
C GLY C 41 20.07 25.82 -1.47
N ARG C 42 20.14 24.93 -2.45
CA ARG C 42 21.32 24.76 -3.29
C ARG C 42 21.58 26.00 -4.14
N GLN C 43 20.53 26.53 -4.77
CA GLN C 43 20.71 27.64 -5.69
C GLN C 43 19.57 28.65 -5.59
N PRO C 44 19.61 29.51 -4.55
CA PRO C 44 18.52 30.45 -4.26
C PRO C 44 18.27 31.43 -5.40
N GLU C 45 19.30 31.72 -6.18
CA GLU C 45 19.14 32.67 -7.28
C GLU C 45 18.24 32.11 -8.38
N ALA C 46 18.09 30.79 -8.40
CA ALA C 46 17.28 30.16 -9.44
C ALA C 46 15.90 29.77 -8.92
N GLN C 47 15.51 30.32 -7.76
CA GLN C 47 14.30 29.83 -7.10
C GLN C 47 13.02 30.12 -7.87
N SER C 48 13.02 31.19 -8.64
CA SER C 48 11.85 31.50 -9.47
C SER C 48 11.59 30.36 -10.45
N ASP C 49 12.66 29.91 -11.11
CA ASP C 49 12.60 28.81 -12.06
C ASP C 49 12.21 27.51 -11.39
N ILE C 50 12.86 27.22 -10.28
CA ILE C 50 12.61 26.00 -9.51
C ILE C 50 11.15 25.91 -9.09
N ILE C 51 10.65 26.96 -8.47
CA ILE C 51 9.29 26.96 -7.95
C ILE C 51 8.23 26.86 -9.06
N ARG C 52 8.42 27.60 -10.17
CA ARG C 52 7.48 27.52 -11.29
C ARG C 52 7.37 26.11 -11.83
N THR C 53 8.53 25.46 -11.96
CA THR C 53 8.56 24.08 -12.45
C THR C 53 7.86 23.15 -11.46
N MET C 54 8.16 23.35 -10.17
CA MET C 54 7.59 22.57 -9.10
C MET C 54 6.06 22.64 -9.12
N LEU C 55 5.54 23.84 -9.31
CA LEU C 55 4.10 24.07 -9.27
C LEU C 55 3.38 23.55 -10.50
N LEU C 56 3.98 23.77 -11.67
CA LEU C 56 3.42 23.25 -12.92
C LEU C 56 3.30 21.74 -12.89
N GLY C 57 4.34 21.08 -12.39
CA GLY C 57 4.34 19.64 -12.31
C GLY C 57 3.34 19.19 -11.26
N ALA C 58 3.25 19.94 -10.17
CA ALA C 58 2.33 19.60 -9.09
C ALA C 58 0.90 19.76 -9.58
N ALA C 59 0.64 20.78 -10.39
CA ALA C 59 -0.67 21.01 -10.98
C ALA C 59 -1.11 19.79 -11.77
N VAL C 60 -0.20 19.24 -12.57
CA VAL C 60 -0.48 18.01 -13.31
C VAL C 60 -0.80 16.85 -12.36
N ALA C 61 -0.02 16.72 -11.28
CA ALA C 61 -0.24 15.66 -10.30
C ALA C 61 -1.58 15.76 -9.58
N GLU C 62 -2.20 16.93 -9.64
CA GLU C 62 -3.44 17.16 -8.90
C GLU C 62 -4.65 16.50 -9.56
N THR C 63 -4.62 16.37 -10.89
CA THR C 63 -5.81 15.99 -11.67
C THR C 63 -6.55 14.75 -11.20
N THR C 64 -5.85 13.65 -10.94
CA THR C 64 -6.56 12.44 -10.55
C THR C 64 -7.20 12.58 -9.16
N GLY C 65 -6.68 13.52 -8.38
CA GLY C 65 -7.30 13.87 -7.11
C GLY C 65 -8.61 14.59 -7.36
N ILE C 66 -8.60 15.48 -8.35
CA ILE C 66 -9.81 16.20 -8.76
C ILE C 66 -10.83 15.23 -9.35
N TYR C 67 -10.35 14.29 -10.18
CA TYR C 67 -11.21 13.27 -10.79
C TYR C 67 -12.01 12.53 -9.73
N GLY C 68 -11.35 12.11 -8.65
CA GLY C 68 -12.00 11.43 -7.55
C GLY C 68 -13.07 12.27 -6.86
N LEU C 69 -12.74 13.53 -6.59
CA LEU C 69 -13.67 14.44 -5.96
C LEU C 69 -14.92 14.62 -6.82
N ILE C 70 -14.74 14.75 -8.14
CA ILE C 70 -15.84 14.93 -9.07
C ILE C 70 -16.83 13.77 -9.01
N VAL C 71 -16.31 12.54 -9.06
CA VAL C 71 -17.14 11.36 -8.94
C VAL C 71 -17.91 11.39 -7.61
N ALA C 72 -17.21 11.73 -6.54
CA ALA C 72 -17.85 11.88 -5.22
C ALA C 72 -18.98 12.91 -5.24
N LEU C 73 -18.72 14.06 -5.86
CA LEU C 73 -19.71 15.12 -5.97
C LEU C 73 -20.89 14.69 -6.83
N ILE C 74 -20.60 13.85 -7.83
CA ILE C 74 -21.65 13.32 -8.69
C ILE C 74 -22.55 12.41 -7.86
N LEU C 75 -21.94 11.54 -7.06
CA LEU C 75 -22.70 10.64 -6.18
C LEU C 75 -23.47 11.40 -5.10
N LEU C 76 -22.87 12.46 -4.58
CA LEU C 76 -23.53 13.27 -3.55
C LEU C 76 -24.65 14.15 -4.11
N PHE C 77 -24.35 14.95 -5.13
CA PHE C 77 -25.24 16.04 -5.54
C PHE C 77 -25.87 15.96 -6.94
N ALA C 78 -25.45 15.01 -7.75
CA ALA C 78 -25.95 14.89 -9.12
C ALA C 78 -26.02 13.42 -9.51
N ASN C 79 -26.61 12.65 -8.61
CA ASN C 79 -26.63 11.20 -8.71
C ASN C 79 -27.55 10.72 -9.84
N PRO C 80 -27.00 9.99 -10.81
CA PRO C 80 -27.70 9.50 -12.00
C PRO C 80 -28.62 8.32 -11.69
N PHE C 81 -28.54 7.80 -10.47
CA PHE C 81 -29.24 6.57 -10.11
C PHE C 81 -30.66 6.79 -9.59
N PHE C 82 -31.00 8.02 -9.20
CA PHE C 82 -32.36 8.32 -8.73
C PHE C 82 -32.84 9.72 -9.11
N FME D 1 -37.78 -2.92 -3.11
CN FME D 1 -38.25 -1.67 -2.79
O1 FME D 1 -39.34 -1.32 -3.20
CA FME D 1 -36.43 -2.77 -3.64
CB FME D 1 -35.39 -2.97 -2.55
CG FME D 1 -34.00 -3.11 -3.16
SD FME D 1 -32.76 -2.78 -1.95
CE FME D 1 -31.39 -3.84 -2.27
C FME D 1 -36.22 -3.80 -4.72
O FME D 1 -36.23 -5.00 -4.47
N GLU D 2 -36.05 -3.31 -5.95
CA GLU D 2 -35.92 -4.18 -7.10
C GLU D 2 -34.45 -4.55 -7.33
N GLY D 3 -34.21 -5.60 -8.11
CA GLY D 3 -32.84 -6.02 -8.41
C GLY D 3 -32.10 -4.94 -9.16
N LEU D 4 -32.86 -4.12 -9.87
CA LEU D 4 -32.28 -3.02 -10.63
C LEU D 4 -31.68 -2.00 -9.70
N ASP D 5 -32.32 -1.79 -8.55
CA ASP D 5 -31.79 -0.92 -7.51
C ASP D 5 -30.46 -1.45 -6.98
N PHE D 6 -30.36 -2.77 -6.85
CA PHE D 6 -29.11 -3.36 -6.37
C PHE D 6 -27.97 -3.13 -7.36
N ILE D 7 -28.30 -3.12 -8.65
CA ILE D 7 -27.30 -2.93 -9.70
C ILE D 7 -26.75 -1.50 -9.68
N LYS D 8 -27.67 -0.54 -9.59
CA LYS D 8 -27.32 0.87 -9.45
C LYS D 8 -26.45 1.06 -8.21
N ALA D 9 -26.87 0.44 -7.11
CA ALA D 9 -26.15 0.52 -5.84
C ALA D 9 -24.71 0.04 -5.98
N CYS D 10 -24.53 -1.12 -6.59
CA CYS D 10 -23.19 -1.67 -6.77
C CYS D 10 -22.40 -0.92 -7.84
N SER D 11 -23.12 -0.30 -8.79
CA SER D 11 -22.45 0.56 -9.76
C SER D 11 -21.84 1.78 -9.08
N ALA D 12 -22.58 2.35 -8.12
CA ALA D 12 -22.06 3.49 -7.35
C ALA D 12 -20.79 3.12 -6.61
N ILE D 13 -20.75 1.90 -6.09
CA ILE D 13 -19.53 1.43 -5.39
C ILE D 13 -18.41 1.09 -6.37
N GLY D 14 -18.75 0.44 -7.48
CA GLY D 14 -17.77 0.11 -8.50
C GLY D 14 -17.12 1.38 -9.04
N ALA D 15 -17.94 2.41 -9.24
CA ALA D 15 -17.46 3.69 -9.74
C ALA D 15 -16.43 4.30 -8.80
N GLY D 16 -16.73 4.28 -7.51
CA GLY D 16 -15.80 4.79 -6.51
C GLY D 16 -14.50 4.01 -6.50
N ILE D 17 -14.62 2.69 -6.52
CA ILE D 17 -13.43 1.83 -6.53
C ILE D 17 -12.56 2.14 -7.74
N ALA D 18 -13.20 2.41 -8.88
CA ALA D 18 -12.48 2.74 -10.12
C ALA D 18 -11.52 3.89 -9.92
N MET D 19 -11.90 4.83 -9.05
CA MET D 19 -11.11 6.04 -8.89
C MET D 19 -9.84 5.80 -8.11
N ILE D 20 -9.73 4.65 -7.45
CA ILE D 20 -8.50 4.31 -6.72
C ILE D 20 -7.29 4.33 -7.65
N ALA D 21 -7.53 4.00 -8.92
CA ALA D 21 -6.52 4.09 -9.96
C ALA D 21 -5.76 5.42 -9.91
N GLY D 22 -6.47 6.49 -9.53
CA GLY D 22 -5.90 7.82 -9.45
C GLY D 22 -4.73 7.99 -8.51
N VAL D 23 -4.52 7.03 -7.61
CA VAL D 23 -3.41 7.11 -6.68
C VAL D 23 -2.07 7.10 -7.43
N GLY D 24 -1.99 6.31 -8.49
CA GLY D 24 -0.73 6.09 -9.20
C GLY D 24 -0.18 7.32 -9.90
N PRO D 25 -0.95 7.91 -10.83
CA PRO D 25 -0.44 9.12 -11.50
C PRO D 25 -0.11 10.23 -10.50
N GLY D 26 -0.88 10.33 -9.42
CA GLY D 26 -0.63 11.31 -8.37
C GLY D 26 0.78 11.19 -7.81
N ILE D 27 1.17 9.96 -7.48
CA ILE D 27 2.53 9.70 -7.02
C ILE D 27 3.59 9.95 -8.08
N GLY D 28 3.41 9.31 -9.24
CA GLY D 28 4.43 9.33 -10.27
C GLY D 28 4.67 10.71 -10.83
N GLN D 29 3.59 11.45 -11.06
CA GLN D 29 3.69 12.80 -11.61
C GLN D 29 4.29 13.77 -10.61
N GLY D 30 4.02 13.55 -9.33
CA GLY D 30 4.65 14.33 -8.29
C GLY D 30 6.16 14.10 -8.30
N PHE D 31 6.56 12.84 -8.46
CA PHE D 31 7.98 12.52 -8.59
C PHE D 31 8.59 13.25 -9.79
N ALA D 32 7.86 13.26 -10.91
CA ALA D 32 8.37 13.89 -12.12
C ALA D 32 8.54 15.38 -11.86
N ALA D 33 7.60 15.93 -11.09
CA ALA D 33 7.64 17.35 -10.75
C ALA D 33 8.90 17.69 -9.94
N GLY D 34 9.21 16.85 -8.96
CA GLY D 34 10.35 17.05 -8.10
C GLY D 34 11.66 16.99 -8.85
N LYS D 35 11.80 15.98 -9.71
CA LYS D 35 13.02 15.83 -10.51
C LYS D 35 13.16 16.97 -11.51
N GLY D 36 12.02 17.42 -12.02
CA GLY D 36 12.02 18.51 -12.98
C GLY D 36 12.49 19.80 -12.31
N ALA D 37 11.99 20.04 -11.10
CA ALA D 37 12.41 21.21 -10.32
C ALA D 37 13.90 21.13 -9.93
N GLU D 38 14.35 19.94 -9.56
CA GLU D 38 15.76 19.70 -9.28
C GLU D 38 16.62 20.00 -10.51
N ALA D 39 16.20 19.47 -11.67
CA ALA D 39 17.00 19.65 -12.88
C ALA D 39 17.03 21.10 -13.32
N VAL D 40 15.91 21.79 -13.14
CA VAL D 40 15.85 23.21 -13.50
C VAL D 40 16.79 24.05 -12.65
N GLY D 41 16.88 23.76 -11.36
CA GLY D 41 17.79 24.48 -10.48
C GLY D 41 19.23 24.30 -10.92
N ARG D 42 19.57 23.06 -11.28
CA ARG D 42 20.91 22.70 -11.72
C ARG D 42 21.26 23.30 -13.08
N GLN D 43 20.29 23.40 -13.98
CA GLN D 43 20.54 23.98 -15.31
C GLN D 43 19.36 24.79 -15.87
N PRO D 44 19.19 26.01 -15.36
CA PRO D 44 18.07 26.88 -15.79
C PRO D 44 18.03 27.14 -17.30
N GLU D 45 19.19 27.12 -17.95
CA GLU D 45 19.25 27.37 -19.39
C GLU D 45 18.58 26.26 -20.17
N ALA D 46 18.46 25.09 -19.55
CA ALA D 46 17.89 23.93 -20.23
C ALA D 46 16.41 23.71 -19.88
N GLN D 47 15.80 24.66 -19.21
CA GLN D 47 14.48 24.42 -18.62
C GLN D 47 13.37 24.11 -19.62
N SER D 48 13.47 24.66 -20.82
CA SER D 48 12.46 24.41 -21.84
C SER D 48 12.44 22.94 -22.25
N ASP D 49 13.61 22.36 -22.48
CA ASP D 49 13.72 20.95 -22.82
C ASP D 49 13.32 20.09 -21.63
N ILE D 50 13.76 20.49 -20.44
CA ILE D 50 13.47 19.73 -19.21
C ILE D 50 11.96 19.63 -18.95
N ILE D 51 11.29 20.77 -19.06
CA ILE D 51 9.86 20.83 -18.82
C ILE D 51 9.07 20.05 -19.85
N ARG D 52 9.42 20.22 -21.12
CA ARG D 52 8.73 19.49 -22.20
C ARG D 52 8.87 17.97 -22.01
N THR D 53 10.05 17.53 -21.58
CA THR D 53 10.29 16.13 -21.37
C THR D 53 9.47 15.64 -20.17
N MET D 54 9.43 16.47 -19.12
CA MET D 54 8.66 16.17 -17.91
C MET D 54 7.16 16.03 -18.19
N LEU D 55 6.64 16.95 -18.99
CA LEU D 55 5.21 16.98 -19.32
C LEU D 55 4.84 15.85 -20.28
N LEU D 56 5.73 15.55 -21.23
CA LEU D 56 5.55 14.40 -22.11
C LEU D 56 5.43 13.11 -21.32
N GLY D 57 6.38 12.86 -20.42
CA GLY D 57 6.35 11.66 -19.61
C GLY D 57 5.15 11.61 -18.69
N ALA D 58 4.79 12.76 -18.11
CA ALA D 58 3.65 12.84 -17.20
C ALA D 58 2.33 12.56 -17.94
N ALA D 59 2.25 13.00 -19.18
CA ALA D 59 1.08 12.75 -20.02
C ALA D 59 0.83 11.25 -20.14
N VAL D 60 1.90 10.50 -20.43
CA VAL D 60 1.81 9.05 -20.48
C VAL D 60 1.32 8.48 -19.14
N ALA D 61 1.93 8.94 -18.05
CA ALA D 61 1.58 8.44 -16.72
C ALA D 61 0.13 8.74 -16.34
N GLU D 62 -0.49 9.66 -17.07
CA GLU D 62 -1.84 10.08 -16.77
C GLU D 62 -2.89 9.05 -17.23
N THR D 63 -2.57 8.29 -18.28
CA THR D 63 -3.57 7.46 -18.96
C THR D 63 -4.37 6.49 -18.09
N THR D 64 -3.71 5.76 -17.18
CA THR D 64 -4.46 4.78 -16.41
C THR D 64 -5.37 5.44 -15.37
N GLY D 65 -5.11 6.70 -15.06
CA GLY D 65 -6.04 7.49 -14.28
C GLY D 65 -7.29 7.78 -15.11
N ILE D 66 -7.08 8.08 -16.38
CA ILE D 66 -8.19 8.33 -17.31
C ILE D 66 -9.02 7.07 -17.53
N TYR D 67 -8.34 5.92 -17.61
CA TYR D 67 -9.03 4.64 -17.80
C TYR D 67 -10.00 4.39 -16.66
N GLY D 68 -9.56 4.64 -15.43
CA GLY D 68 -10.42 4.48 -14.27
C GLY D 68 -11.58 5.44 -14.32
N LEU D 69 -11.29 6.69 -14.70
CA LEU D 69 -12.33 7.70 -14.83
C LEU D 69 -13.37 7.29 -15.87
N ILE D 70 -12.89 6.77 -16.99
CA ILE D 70 -13.77 6.29 -18.05
C ILE D 70 -14.71 5.18 -17.56
N VAL D 71 -14.17 4.26 -16.78
CA VAL D 71 -14.97 3.15 -16.24
C VAL D 71 -16.02 3.65 -15.26
N ALA D 72 -15.62 4.58 -14.39
CA ALA D 72 -16.56 5.21 -13.47
C ALA D 72 -17.68 5.93 -14.22
N LEU D 73 -17.32 6.71 -15.24
CA LEU D 73 -18.29 7.47 -16.01
C LEU D 73 -19.24 6.55 -16.77
N ILE D 74 -18.74 5.40 -17.22
CA ILE D 74 -19.59 4.41 -17.87
C ILE D 74 -20.62 3.88 -16.88
N LEU D 75 -20.15 3.57 -15.68
CA LEU D 75 -20.99 3.04 -14.62
C LEU D 75 -22.05 4.06 -14.22
N LEU D 76 -21.68 5.34 -14.32
CA LEU D 76 -22.55 6.43 -13.88
C LEU D 76 -23.56 6.92 -14.93
N PHE D 77 -23.13 7.14 -16.16
CA PHE D 77 -24.01 7.77 -17.14
C PHE D 77 -24.23 6.96 -18.42
N ALA D 78 -23.62 5.78 -18.51
CA ALA D 78 -23.80 4.92 -19.68
C ALA D 78 -23.75 3.47 -19.26
N ASN D 79 -24.53 3.15 -18.24
CA ASN D 79 -24.47 1.83 -17.62
C ASN D 79 -25.05 0.75 -18.52
N PRO D 80 -24.23 -0.26 -18.85
CA PRO D 80 -24.65 -1.37 -19.71
C PRO D 80 -25.53 -2.39 -18.99
N PHE D 81 -25.68 -2.24 -17.68
CA PHE D 81 -26.41 -3.21 -16.88
C PHE D 81 -27.89 -2.86 -16.71
N PHE D 82 -28.23 -1.58 -16.86
CA PHE D 82 -29.64 -1.18 -16.89
C PHE D 82 -29.89 -0.17 -18.02
N FME E 1 -35.61 -9.22 -8.10
CN FME E 1 -36.32 -8.40 -7.27
O1 FME E 1 -36.48 -7.23 -7.58
CA FME E 1 -35.29 -10.45 -7.39
CB FME E 1 -36.26 -11.57 -7.78
CG FME E 1 -37.31 -11.81 -6.71
SD FME E 1 -38.85 -11.11 -7.20
CE FME E 1 -40.15 -11.71 -6.15
C FME E 1 -33.85 -10.85 -7.64
O FME E 1 -32.97 -10.00 -7.73
N GLU E 2 -33.62 -12.15 -7.81
CA GLU E 2 -32.30 -12.74 -7.67
C GLU E 2 -31.59 -13.09 -8.98
N GLY E 3 -30.33 -13.51 -8.86
CA GLY E 3 -29.63 -14.24 -9.90
C GLY E 3 -28.90 -13.42 -10.95
N LEU E 4 -29.60 -13.11 -12.02
CA LEU E 4 -29.02 -12.37 -13.14
C LEU E 4 -28.53 -11.00 -12.73
N ASP E 5 -29.36 -10.28 -11.97
CA ASP E 5 -29.02 -8.92 -11.58
C ASP E 5 -27.95 -8.92 -10.49
N PHE E 6 -27.90 -10.00 -9.72
CA PHE E 6 -26.79 -10.16 -8.78
C PHE E 6 -25.46 -10.32 -9.52
N ILE E 7 -25.49 -11.04 -10.64
CA ILE E 7 -24.28 -11.19 -11.46
C ILE E 7 -23.86 -9.85 -12.05
N LYS E 8 -24.84 -9.08 -12.52
CA LYS E 8 -24.57 -7.76 -13.10
C LYS E 8 -24.03 -6.77 -12.08
N ALA E 9 -24.56 -6.84 -10.87
CA ALA E 9 -24.12 -5.96 -9.79
C ALA E 9 -22.67 -6.25 -9.42
N CYS E 10 -22.36 -7.53 -9.25
CA CYS E 10 -21.00 -7.94 -8.91
C CYS E 10 -20.04 -7.68 -10.06
N SER E 11 -20.56 -7.73 -11.29
CA SER E 11 -19.75 -7.41 -12.46
C SER E 11 -19.34 -5.94 -12.42
N ALA E 12 -20.27 -5.08 -12.01
CA ALA E 12 -19.96 -3.66 -11.81
C ALA E 12 -18.84 -3.50 -10.81
N ILE E 13 -18.91 -4.27 -9.73
CA ILE E 13 -17.89 -4.23 -8.69
C ILE E 13 -16.56 -4.79 -9.19
N GLY E 14 -16.61 -5.92 -9.89
CA GLY E 14 -15.41 -6.50 -10.49
C GLY E 14 -14.71 -5.56 -11.47
N ALA E 15 -15.50 -4.86 -12.27
CA ALA E 15 -14.96 -3.93 -13.26
C ALA E 15 -14.15 -2.82 -12.59
N GLY E 16 -14.71 -2.23 -11.53
CA GLY E 16 -14.01 -1.19 -10.80
C GLY E 16 -12.71 -1.67 -10.17
N ILE E 17 -12.79 -2.85 -9.55
CA ILE E 17 -11.62 -3.44 -8.89
C ILE E 17 -10.49 -3.64 -9.91
N ALA E 18 -10.87 -4.02 -11.13
CA ALA E 18 -9.90 -4.29 -12.17
C ALA E 18 -9.08 -3.06 -12.50
N MET E 19 -9.67 -1.88 -12.30
CA MET E 19 -8.97 -0.63 -12.62
C MET E 19 -7.90 -0.26 -11.59
N ILE E 20 -7.92 -0.92 -10.43
CA ILE E 20 -6.88 -0.67 -9.41
C ILE E 20 -5.49 -0.93 -9.97
N ALA E 21 -5.40 -1.86 -10.92
CA ALA E 21 -4.16 -2.15 -11.63
C ALA E 21 -3.50 -0.88 -12.18
N GLY E 22 -4.33 0.10 -12.55
CA GLY E 22 -3.86 1.37 -13.07
C GLY E 22 -2.95 2.16 -12.15
N VAL E 23 -2.99 1.85 -10.86
CA VAL E 23 -2.09 2.48 -9.89
C VAL E 23 -0.63 2.28 -10.28
N GLY E 24 -0.29 1.06 -10.70
CA GLY E 24 1.08 0.71 -11.03
C GLY E 24 1.76 1.55 -12.10
N PRO E 25 1.21 1.55 -13.33
CA PRO E 25 1.84 2.33 -14.40
C PRO E 25 1.91 3.82 -14.09
N GLY E 26 0.93 4.34 -13.34
CA GLY E 26 0.94 5.74 -12.93
C GLY E 26 2.21 6.07 -12.15
N ILE E 27 2.54 5.23 -11.18
CA ILE E 27 3.79 5.38 -10.42
C ILE E 27 5.04 5.20 -11.29
N GLY E 28 5.11 4.06 -11.97
CA GLY E 28 6.30 3.71 -12.72
C GLY E 28 6.62 4.68 -13.84
N GLN E 29 5.60 5.11 -14.58
CA GLN E 29 5.85 6.01 -15.70
C GLN E 29 6.15 7.42 -15.25
N GLY E 30 5.61 7.81 -14.09
CA GLY E 30 5.96 9.09 -13.53
C GLY E 30 7.42 9.12 -13.10
N PHE E 31 7.89 8.01 -12.54
CA PHE E 31 9.31 7.87 -12.22
C PHE E 31 10.14 8.00 -13.50
N ALA E 32 9.68 7.37 -14.58
CA ALA E 32 10.43 7.43 -15.84
C ALA E 32 10.47 8.86 -16.37
N ALA E 33 9.35 9.58 -16.23
CA ALA E 33 9.30 10.96 -16.69
C ALA E 33 10.32 11.82 -15.95
N GLY E 34 10.40 11.62 -14.64
CA GLY E 34 11.34 12.34 -13.80
C GLY E 34 12.78 12.08 -14.17
N LYS E 35 13.13 10.80 -14.36
CA LYS E 35 14.49 10.46 -14.74
C LYS E 35 14.81 10.99 -16.13
N GLY E 36 13.81 10.96 -17.01
CA GLY E 36 13.99 11.46 -18.35
C GLY E 36 14.24 12.96 -18.35
N ALA E 37 13.47 13.70 -17.56
CA ALA E 37 13.64 15.14 -17.45
C ALA E 37 15.03 15.48 -16.90
N GLU E 38 15.43 14.73 -15.87
CA GLU E 38 16.72 14.92 -15.24
C GLU E 38 17.84 14.70 -16.24
N ALA E 39 17.72 13.65 -17.05
CA ALA E 39 18.77 13.31 -18.00
C ALA E 39 18.86 14.31 -19.14
N VAL E 40 17.71 14.83 -19.56
CA VAL E 40 17.68 15.83 -20.60
C VAL E 40 18.39 17.11 -20.15
N GLY E 41 18.20 17.47 -18.89
CA GLY E 41 18.84 18.66 -18.36
C GLY E 41 20.35 18.47 -18.33
N ARG E 42 20.77 17.24 -18.03
CA ARG E 42 22.18 16.92 -17.92
C ARG E 42 22.85 16.88 -19.29
N GLN E 43 22.17 16.28 -20.26
CA GLN E 43 22.75 16.06 -21.58
C GLN E 43 21.76 16.41 -22.69
N PRO E 44 21.50 17.71 -22.90
CA PRO E 44 20.48 18.16 -23.86
C PRO E 44 20.70 17.60 -25.26
N GLU E 45 21.96 17.31 -25.59
CA GLU E 45 22.31 16.88 -26.92
C GLU E 45 21.97 15.41 -27.13
N ALA E 46 21.64 14.71 -26.05
CA ALA E 46 21.24 13.31 -26.13
C ALA E 46 19.72 13.13 -25.99
N GLN E 47 18.97 14.22 -25.99
CA GLN E 47 17.56 14.17 -25.56
C GLN E 47 16.68 13.27 -26.43
N SER E 48 17.00 13.17 -27.71
CA SER E 48 16.26 12.31 -28.61
C SER E 48 16.33 10.85 -28.14
N ASP E 49 17.55 10.38 -27.86
CA ASP E 49 17.75 8.99 -27.42
C ASP E 49 17.19 8.78 -26.02
N ILE E 50 17.26 9.81 -25.19
CA ILE E 50 16.72 9.75 -23.83
C ILE E 50 15.20 9.57 -23.84
N ILE E 51 14.52 10.40 -24.62
CA ILE E 51 13.07 10.34 -24.73
C ILE E 51 12.61 9.02 -25.35
N ARG E 52 13.33 8.59 -26.39
CA ARG E 52 13.07 7.32 -27.05
C ARG E 52 13.12 6.15 -26.06
N THR E 53 14.15 6.14 -25.22
CA THR E 53 14.33 5.06 -24.27
C THR E 53 13.23 5.13 -23.23
N MET E 54 12.95 6.35 -22.75
CA MET E 54 11.92 6.58 -21.74
C MET E 54 10.55 6.09 -22.22
N LEU E 55 10.18 6.47 -23.44
CA LEU E 55 8.88 6.11 -24.01
C LEU E 55 8.75 4.60 -24.30
N LEU E 56 9.82 4.01 -24.82
CA LEU E 56 9.88 2.57 -25.00
C LEU E 56 9.62 1.84 -23.68
N GLY E 57 10.33 2.25 -22.65
CA GLY E 57 10.15 1.65 -21.34
C GLY E 57 8.78 1.91 -20.76
N ALA E 58 8.28 3.12 -20.94
CA ALA E 58 6.93 3.47 -20.47
C ALA E 58 5.86 2.63 -21.17
N ALA E 59 6.01 2.44 -22.49
CA ALA E 59 5.07 1.61 -23.26
C ALA E 59 4.94 0.21 -22.63
N VAL E 60 6.08 -0.41 -22.37
CA VAL E 60 6.12 -1.71 -21.68
C VAL E 60 5.40 -1.67 -20.32
N ALA E 61 5.60 -0.58 -19.57
CA ALA E 61 5.00 -0.45 -18.23
C ALA E 61 3.49 -0.27 -18.29
N GLU E 62 2.99 0.07 -19.47
CA GLU E 62 1.57 0.32 -19.66
C GLU E 62 0.73 -0.97 -19.68
N THR E 63 1.34 -2.09 -20.07
CA THR E 63 0.57 -3.30 -20.42
C THR E 63 -0.41 -3.80 -19.36
N THR E 64 0.03 -3.90 -18.10
CA THR E 64 -0.86 -4.43 -17.09
C THR E 64 -1.98 -3.44 -16.76
N GLY E 65 -1.75 -2.16 -17.10
CA GLY E 65 -2.80 -1.16 -16.99
C GLY E 65 -3.87 -1.48 -18.01
N ILE E 66 -3.44 -1.86 -19.20
CA ILE E 66 -4.35 -2.26 -20.27
C ILE E 66 -5.00 -3.63 -20.02
N TYR E 67 -4.26 -4.57 -19.43
CA TYR E 67 -4.86 -5.87 -19.11
C TYR E 67 -6.04 -5.65 -18.19
N GLY E 68 -5.87 -4.76 -17.21
CA GLY E 68 -6.94 -4.41 -16.28
C GLY E 68 -8.14 -3.78 -16.96
N LEU E 69 -7.88 -2.82 -17.85
CA LEU E 69 -8.95 -2.15 -18.57
C LEU E 69 -9.73 -3.16 -19.43
N ILE E 70 -9.00 -4.09 -20.02
CA ILE E 70 -9.60 -5.13 -20.85
C ILE E 70 -10.59 -5.98 -20.05
N VAL E 71 -10.18 -6.42 -18.86
CA VAL E 71 -11.04 -7.23 -18.01
C VAL E 71 -12.32 -6.48 -17.61
N ALA E 72 -12.18 -5.19 -17.29
CA ALA E 72 -13.35 -4.35 -17.03
C ALA E 72 -14.25 -4.21 -18.26
N LEU E 73 -13.64 -4.06 -19.43
CA LEU E 73 -14.42 -3.94 -20.66
C LEU E 73 -15.20 -5.22 -20.93
N ILE E 74 -14.58 -6.35 -20.61
CA ILE E 74 -15.23 -7.64 -20.79
C ILE E 74 -16.43 -7.77 -19.87
N LEU E 75 -16.28 -7.37 -18.61
CA LEU E 75 -17.37 -7.44 -17.64
C LEU E 75 -18.52 -6.50 -18.03
N LEU E 76 -18.17 -5.38 -18.64
CA LEU E 76 -19.16 -4.37 -19.02
C LEU E 76 -19.89 -4.66 -20.34
N PHE E 77 -19.16 -5.03 -21.39
CA PHE E 77 -19.72 -5.03 -22.74
C PHE E 77 -19.63 -6.37 -23.46
N ALA E 78 -18.96 -7.35 -22.85
CA ALA E 78 -18.82 -8.67 -23.45
C ALA E 78 -18.87 -9.73 -22.36
N ASN E 79 -19.77 -9.52 -21.40
CA ASN E 79 -19.86 -10.34 -20.21
C ASN E 79 -20.27 -11.77 -20.50
N PRO E 80 -19.38 -12.73 -20.22
CA PRO E 80 -19.64 -14.14 -20.55
C PRO E 80 -20.61 -14.83 -19.58
N PHE E 81 -20.97 -14.16 -18.49
CA PHE E 81 -21.79 -14.78 -17.46
C PHE E 81 -23.27 -14.59 -17.74
N PHE E 82 -23.59 -13.60 -18.57
CA PHE E 82 -24.94 -13.45 -19.10
C PHE E 82 -24.89 -13.01 -20.57
N FME F 1 -30.89 -17.34 -4.58
CN FME F 1 -31.54 -16.14 -4.36
O1 FME F 1 -31.92 -15.85 -3.24
CA FME F 1 -30.63 -17.50 -6.02
CB FME F 1 -29.62 -16.45 -6.48
CG FME F 1 -28.30 -16.56 -5.73
SD FME F 1 -27.30 -15.15 -6.08
CE FME F 1 -27.51 -14.02 -4.74
C FME F 1 -30.06 -18.85 -6.32
O FME F 1 -29.64 -19.58 -5.42
N GLU F 2 -30.06 -19.20 -7.60
CA GLU F 2 -29.37 -20.39 -8.08
C GLU F 2 -27.90 -20.29 -7.70
N GLY F 3 -27.34 -21.39 -7.22
CA GLY F 3 -25.94 -21.42 -6.82
C GLY F 3 -25.01 -21.14 -7.99
N LEU F 4 -25.43 -21.52 -9.19
CA LEU F 4 -24.63 -21.29 -10.38
C LEU F 4 -24.44 -19.79 -10.61
N ASP F 5 -25.50 -19.03 -10.35
CA ASP F 5 -25.45 -17.59 -10.56
C ASP F 5 -24.59 -16.94 -9.48
N PHE F 6 -24.58 -17.53 -8.29
CA PHE F 6 -23.70 -17.04 -7.24
C PHE F 6 -22.25 -17.33 -7.59
N ILE F 7 -22.01 -18.47 -8.23
CA ILE F 7 -20.65 -18.81 -8.69
C ILE F 7 -20.15 -17.81 -9.75
N LYS F 8 -21.01 -17.49 -10.71
CA LYS F 8 -20.66 -16.53 -11.77
C LYS F 8 -20.41 -15.13 -11.21
N ALA F 9 -21.27 -14.69 -10.29
CA ALA F 9 -21.11 -13.38 -9.67
C ALA F 9 -19.77 -13.26 -8.94
N CYS F 10 -19.44 -14.28 -8.15
CA CYS F 10 -18.18 -14.28 -7.42
C CYS F 10 -16.98 -14.38 -8.36
N SER F 11 -17.18 -15.06 -9.49
CA SER F 11 -16.11 -15.20 -10.48
C SER F 11 -15.79 -13.86 -11.11
N ALA F 12 -16.82 -13.04 -11.30
CA ALA F 12 -16.63 -11.68 -11.80
C ALA F 12 -15.78 -10.89 -10.81
N ILE F 13 -16.11 -11.02 -9.53
CA ILE F 13 -15.34 -10.38 -8.47
C ILE F 13 -13.91 -10.90 -8.40
N GLY F 14 -13.76 -12.23 -8.41
CA GLY F 14 -12.43 -12.83 -8.43
C GLY F 14 -11.60 -12.44 -9.66
N ALA F 15 -12.25 -12.29 -10.81
CA ALA F 15 -11.55 -11.86 -12.03
C ALA F 15 -10.96 -10.45 -11.87
N GLY F 16 -11.74 -9.54 -11.29
CA GLY F 16 -11.28 -8.19 -11.07
C GLY F 16 -10.15 -8.14 -10.06
N ILE F 17 -10.29 -8.91 -8.99
CA ILE F 17 -9.29 -8.91 -7.92
C ILE F 17 -7.94 -9.42 -8.45
N ALA F 18 -7.99 -10.38 -9.36
CA ALA F 18 -6.76 -10.95 -9.90
C ALA F 18 -5.93 -9.92 -10.65
N MET F 19 -6.59 -8.88 -11.16
CA MET F 19 -5.88 -7.90 -11.98
C MET F 19 -5.08 -6.93 -11.12
N ILE F 20 -5.29 -6.99 -9.81
CA ILE F 20 -4.56 -6.12 -8.88
C ILE F 20 -3.07 -6.42 -8.95
N ALA F 21 -2.74 -7.67 -9.29
CA ALA F 21 -1.36 -8.08 -9.50
C ALA F 21 -0.61 -7.14 -10.44
N GLY F 22 -1.33 -6.57 -11.40
CA GLY F 22 -0.74 -5.70 -12.42
C GLY F 22 -0.11 -4.43 -11.88
N VAL F 23 -0.48 -4.05 -10.66
CA VAL F 23 0.16 -2.91 -10.01
C VAL F 23 1.68 -3.04 -10.01
N GLY F 24 2.17 -4.23 -9.71
CA GLY F 24 3.60 -4.47 -9.52
C GLY F 24 4.48 -4.22 -10.75
N PRO F 25 4.18 -4.89 -11.88
CA PRO F 25 4.96 -4.67 -13.11
C PRO F 25 4.92 -3.22 -13.57
N GLY F 26 3.80 -2.54 -13.34
CA GLY F 26 3.66 -1.15 -13.74
C GLY F 26 4.72 -0.30 -13.05
N ILE F 27 4.81 -0.45 -11.74
CA ILE F 27 5.82 0.26 -10.93
C ILE F 27 7.24 -0.13 -11.33
N GLY F 28 7.51 -1.42 -11.36
CA GLY F 28 8.88 -1.89 -11.55
C GLY F 28 9.44 -1.57 -12.93
N GLN F 29 8.63 -1.79 -13.95
CA GLN F 29 9.09 -1.56 -15.32
C GLN F 29 9.24 -0.07 -15.58
N GLY F 30 8.46 0.73 -14.87
CA GLY F 30 8.58 2.16 -14.94
C GLY F 30 9.91 2.61 -14.36
N PHE F 31 10.31 1.96 -13.27
CA PHE F 31 11.63 2.21 -12.69
C PHE F 31 12.73 1.88 -13.72
N ALA F 32 12.61 0.72 -14.36
CA ALA F 32 13.60 0.28 -15.33
C ALA F 32 13.70 1.25 -16.50
N ALA F 33 12.56 1.79 -16.90
CA ALA F 33 12.50 2.76 -18.00
C ALA F 33 13.27 4.01 -17.61
N GLY F 34 13.07 4.43 -16.37
CA GLY F 34 13.76 5.60 -15.85
C GLY F 34 15.26 5.39 -15.79
N LYS F 35 15.70 4.25 -15.25
CA LYS F 35 17.14 3.97 -15.19
C LYS F 35 17.74 3.83 -16.58
N GLY F 36 17.01 3.20 -17.49
CA GLY F 36 17.48 3.04 -18.86
C GLY F 36 17.69 4.39 -19.54
N ALA F 37 16.71 5.28 -19.36
CA ALA F 37 16.78 6.60 -20.01
C ALA F 37 17.94 7.40 -19.43
N GLU F 38 18.14 7.28 -18.13
CA GLU F 38 19.27 7.91 -17.44
C GLU F 38 20.60 7.43 -17.99
N ALA F 39 20.72 6.10 -18.09
CA ALA F 39 21.95 5.47 -18.53
C ALA F 39 22.25 5.80 -19.99
N VAL F 40 21.21 5.85 -20.81
CA VAL F 40 21.40 6.18 -22.21
C VAL F 40 21.92 7.61 -22.33
N GLY F 41 21.38 8.50 -21.49
CA GLY F 41 21.78 9.89 -21.55
C GLY F 41 23.25 10.04 -21.19
N ARG F 42 23.72 9.17 -20.30
CA ARG F 42 25.09 9.24 -19.80
C ARG F 42 26.07 8.55 -20.73
N GLN F 43 25.63 7.45 -21.33
CA GLN F 43 26.51 6.66 -22.20
C GLN F 43 25.83 6.29 -23.52
N PRO F 44 25.62 7.30 -24.40
CA PRO F 44 24.89 7.14 -25.67
C PRO F 44 25.35 5.97 -26.55
N GLU F 45 26.64 5.64 -26.57
CA GLU F 45 27.08 4.57 -27.46
C GLU F 45 27.00 3.19 -26.81
N ALA F 46 26.54 3.15 -25.57
CA ALA F 46 26.25 1.89 -24.90
C ALA F 46 24.74 1.61 -24.96
N GLN F 47 24.04 2.41 -25.76
CA GLN F 47 22.58 2.43 -25.78
C GLN F 47 21.93 1.06 -26.01
N SER F 48 22.46 0.32 -26.98
CA SER F 48 21.90 -0.99 -27.34
C SER F 48 22.05 -2.02 -26.24
N ASP F 49 23.21 -2.08 -25.61
CA ASP F 49 23.41 -2.98 -24.48
C ASP F 49 22.52 -2.58 -23.31
N ILE F 50 22.37 -1.26 -23.10
CA ILE F 50 21.53 -0.77 -22.02
C ILE F 50 20.07 -1.18 -22.23
N ILE F 51 19.55 -0.84 -23.40
CA ILE F 51 18.16 -1.14 -23.74
C ILE F 51 17.86 -2.64 -23.69
N ARG F 52 18.75 -3.44 -24.27
CA ARG F 52 18.59 -4.90 -24.25
C ARG F 52 18.48 -5.43 -22.82
N THR F 53 19.39 -4.98 -21.94
CA THR F 53 19.37 -5.39 -20.54
C THR F 53 18.08 -4.94 -19.85
N MET F 54 17.63 -3.73 -20.16
CA MET F 54 16.42 -3.16 -19.56
C MET F 54 15.20 -3.98 -19.96
N LEU F 55 15.11 -4.31 -21.25
CA LEU F 55 14.00 -5.08 -21.79
C LEU F 55 13.96 -6.51 -21.29
N LEU F 56 15.14 -7.12 -21.18
CA LEU F 56 15.26 -8.46 -20.64
C LEU F 56 14.69 -8.53 -19.22
N GLY F 57 15.08 -7.56 -18.40
CA GLY F 57 14.67 -7.55 -17.01
C GLY F 57 13.19 -7.22 -16.88
N ALA F 58 12.71 -6.30 -17.72
CA ALA F 58 11.29 -5.98 -17.80
C ALA F 58 10.42 -7.19 -18.15
N ALA F 59 10.91 -8.01 -19.09
CA ALA F 59 10.17 -9.21 -19.53
C ALA F 59 9.93 -10.14 -18.34
N VAL F 60 10.98 -10.36 -17.54
CA VAL F 60 10.85 -11.13 -16.30
C VAL F 60 9.82 -10.51 -15.35
N ALA F 61 9.87 -9.18 -15.19
CA ALA F 61 8.96 -8.48 -14.27
C ALA F 61 7.50 -8.57 -14.71
N GLU F 62 7.29 -8.87 -15.98
CA GLU F 62 5.94 -8.95 -16.55
C GLU F 62 5.18 -10.16 -16.06
N THR F 63 5.89 -11.24 -15.70
CA THR F 63 5.26 -12.55 -15.52
C THR F 63 4.09 -12.62 -14.53
N THR F 64 4.22 -11.99 -13.36
CA THR F 64 3.14 -12.11 -12.38
C THR F 64 1.92 -11.29 -12.79
N GLY F 65 2.13 -10.32 -13.66
CA GLY F 65 1.03 -9.63 -14.29
C GLY F 65 0.30 -10.60 -15.20
N ILE F 66 1.06 -11.37 -15.98
CA ILE F 66 0.46 -12.39 -16.86
C ILE F 66 -0.27 -13.48 -16.06
N TYR F 67 0.32 -13.92 -14.94
CA TYR F 67 -0.31 -14.94 -14.11
C TYR F 67 -1.70 -14.48 -13.67
N GLY F 68 -1.79 -13.23 -13.23
CA GLY F 68 -3.07 -12.64 -12.85
C GLY F 68 -4.04 -12.62 -14.01
N LEU F 69 -3.58 -12.16 -15.17
CA LEU F 69 -4.41 -12.15 -16.36
C LEU F 69 -4.96 -13.54 -16.66
N ILE F 70 -4.10 -14.55 -16.57
CA ILE F 70 -4.50 -15.92 -16.87
C ILE F 70 -5.60 -16.38 -15.92
N VAL F 71 -5.42 -16.13 -14.63
CA VAL F 71 -6.44 -16.55 -13.67
C VAL F 71 -7.77 -15.86 -13.96
N ALA F 72 -7.72 -14.59 -14.30
CA ALA F 72 -8.94 -13.85 -14.65
C ALA F 72 -9.60 -14.41 -15.92
N LEU F 73 -8.79 -14.70 -16.93
CA LEU F 73 -9.32 -15.27 -18.18
C LEU F 73 -9.91 -16.65 -17.95
N ILE F 74 -9.30 -17.42 -17.04
CA ILE F 74 -9.84 -18.72 -16.68
C ILE F 74 -11.22 -18.53 -16.08
N LEU F 75 -11.31 -17.63 -15.09
CA LEU F 75 -12.57 -17.34 -14.42
C LEU F 75 -13.64 -16.88 -15.41
N LEU F 76 -13.23 -16.08 -16.39
CA LEU F 76 -14.16 -15.52 -17.38
C LEU F 76 -14.57 -16.48 -18.50
N PHE F 77 -13.62 -17.23 -19.04
CA PHE F 77 -13.87 -17.98 -20.29
C PHE F 77 -13.62 -19.49 -20.22
N ALA F 78 -13.04 -19.98 -19.12
CA ALA F 78 -12.77 -21.40 -19.01
C ALA F 78 -13.00 -21.89 -17.58
N ASN F 79 -14.05 -21.36 -16.98
CA ASN F 79 -14.36 -21.56 -15.56
C ASN F 79 -14.60 -23.03 -15.20
N PRO F 80 -13.83 -23.56 -14.25
CA PRO F 80 -13.94 -24.97 -13.85
C PRO F 80 -15.10 -25.25 -12.88
N PHE F 81 -15.69 -24.22 -12.31
CA PHE F 81 -16.72 -24.38 -11.28
C PHE F 81 -18.08 -24.74 -11.86
N PHE F 82 -18.26 -24.51 -13.16
CA PHE F 82 -19.46 -24.95 -13.87
C PHE F 82 -19.13 -25.39 -15.30
N FME G 1 -29.61 -23.17 -3.07
CN FME G 1 -30.19 -22.26 -3.92
O1 FME G 1 -31.33 -21.87 -3.73
CA FME G 1 -28.18 -23.21 -3.33
CB FME G 1 -27.59 -21.81 -3.12
CG FME G 1 -26.07 -21.82 -3.03
SD FME G 1 -25.50 -20.20 -3.38
CE FME G 1 -24.80 -19.48 -1.94
C FME G 1 -27.50 -24.21 -2.43
O FME G 1 -27.53 -24.11 -1.20
N GLU G 2 -26.86 -25.20 -3.06
CA GLU G 2 -26.11 -26.23 -2.35
C GLU G 2 -24.88 -25.62 -1.69
N GLY G 3 -24.41 -26.26 -0.63
CA GLY G 3 -23.21 -25.82 0.05
C GLY G 3 -22.04 -25.85 -0.89
N LEU G 4 -22.04 -26.81 -1.80
CA LEU G 4 -20.95 -26.94 -2.77
C LEU G 4 -20.79 -25.69 -3.64
N ASP G 5 -21.91 -25.15 -4.11
CA ASP G 5 -21.87 -23.96 -4.94
C ASP G 5 -21.31 -22.78 -4.17
N PHE G 6 -21.62 -22.70 -2.87
CA PHE G 6 -21.07 -21.65 -2.03
C PHE G 6 -19.55 -21.80 -1.88
N ILE G 7 -19.09 -23.05 -1.80
CA ILE G 7 -17.65 -23.32 -1.75
C ILE G 7 -16.94 -22.92 -3.06
N LYS G 8 -17.53 -23.30 -4.18
CA LYS G 8 -16.96 -22.97 -5.49
C LYS G 8 -16.87 -21.45 -5.68
N ALA G 9 -17.95 -20.77 -5.31
CA ALA G 9 -18.00 -19.31 -5.42
C ALA G 9 -16.91 -18.64 -4.59
N CYS G 10 -16.80 -19.03 -3.32
CA CYS G 10 -15.77 -18.44 -2.46
C CYS G 10 -14.36 -18.78 -2.93
N SER G 11 -14.21 -19.96 -3.54
CA SER G 11 -12.92 -20.39 -4.06
C SER G 11 -12.48 -19.53 -5.23
N ALA G 12 -13.46 -19.04 -6.00
CA ALA G 12 -13.17 -18.12 -7.10
C ALA G 12 -12.62 -16.83 -6.54
N ILE G 13 -13.22 -16.36 -5.45
CA ILE G 13 -12.73 -15.14 -4.81
C ILE G 13 -11.34 -15.37 -4.24
N GLY G 14 -11.15 -16.50 -3.57
CA GLY G 14 -9.86 -16.81 -2.97
C GLY G 14 -8.75 -16.88 -4.01
N ALA G 15 -9.11 -17.40 -5.19
CA ALA G 15 -8.14 -17.56 -6.28
C ALA G 15 -7.70 -16.20 -6.79
N GLY G 16 -8.66 -15.29 -6.93
CA GLY G 16 -8.33 -13.93 -7.32
C GLY G 16 -7.42 -13.26 -6.31
N ILE G 17 -7.71 -13.45 -5.02
CA ILE G 17 -6.97 -12.78 -3.94
C ILE G 17 -5.52 -13.26 -3.89
N ALA G 18 -5.34 -14.58 -4.09
CA ALA G 18 -4.02 -15.20 -4.11
C ALA G 18 -3.06 -14.53 -5.11
N MET G 19 -3.61 -13.97 -6.18
CA MET G 19 -2.78 -13.41 -7.24
C MET G 19 -2.20 -12.05 -6.85
N ILE G 20 -2.71 -11.49 -5.76
CA ILE G 20 -2.22 -10.19 -5.29
C ILE G 20 -0.74 -10.28 -4.97
N ALA G 21 -0.29 -11.47 -4.56
CA ALA G 21 1.13 -11.74 -4.29
C ALA G 21 2.01 -11.25 -5.43
N GLY G 22 1.46 -11.25 -6.64
CA GLY G 22 2.21 -10.91 -7.84
C GLY G 22 2.63 -9.46 -7.94
N VAL G 23 2.03 -8.60 -7.12
CA VAL G 23 2.47 -7.21 -7.06
C VAL G 23 3.95 -7.13 -6.68
N GLY G 24 4.39 -8.00 -5.78
CA GLY G 24 5.73 -7.94 -5.22
C GLY G 24 6.87 -8.16 -6.20
N PRO G 25 6.88 -9.32 -6.87
CA PRO G 25 7.91 -9.58 -7.89
C PRO G 25 7.90 -8.58 -9.04
N GLY G 26 6.74 -8.04 -9.41
CA GLY G 26 6.67 -7.03 -10.45
C GLY G 26 7.48 -5.79 -10.08
N ILE G 27 7.32 -5.34 -8.84
CA ILE G 27 8.07 -4.18 -8.33
C ILE G 27 9.55 -4.54 -8.24
N GLY G 28 9.85 -5.67 -7.59
CA GLY G 28 11.24 -6.00 -7.29
C GLY G 28 12.09 -6.30 -8.53
N GLN G 29 11.55 -7.07 -9.45
CA GLN G 29 12.30 -7.44 -10.63
C GLN G 29 12.50 -6.24 -11.55
N GLY G 30 11.53 -5.32 -11.54
CA GLY G 30 11.67 -4.09 -12.30
C GLY G 30 12.79 -3.24 -11.76
N PHE G 31 12.92 -3.21 -10.42
CA PHE G 31 14.08 -2.57 -9.81
C PHE G 31 15.38 -3.23 -10.25
N ALA G 32 15.44 -4.56 -10.18
CA ALA G 32 16.63 -5.27 -10.63
C ALA G 32 16.96 -4.96 -12.09
N ALA G 33 15.93 -4.87 -12.93
CA ALA G 33 16.11 -4.57 -14.35
C ALA G 33 16.73 -3.19 -14.57
N GLY G 34 16.29 -2.20 -13.80
CA GLY G 34 16.83 -0.86 -13.94
C GLY G 34 18.27 -0.78 -13.45
N LYS G 35 18.57 -1.42 -12.33
CA LYS G 35 19.94 -1.40 -11.81
C LYS G 35 20.89 -2.15 -12.76
N GLY G 36 20.38 -3.24 -13.35
CA GLY G 36 21.16 -3.98 -14.33
C GLY G 36 21.46 -3.14 -15.55
N ALA G 37 20.47 -2.42 -16.05
CA ALA G 37 20.66 -1.57 -17.24
C ALA G 37 21.67 -0.46 -16.95
N GLU G 38 21.56 0.11 -15.75
CA GLU G 38 22.47 1.16 -15.33
C GLU G 38 23.89 0.62 -15.24
N ALA G 39 24.05 -0.56 -14.66
CA ALA G 39 25.38 -1.17 -14.48
C ALA G 39 26.01 -1.52 -15.82
N VAL G 40 25.19 -2.00 -16.76
CA VAL G 40 25.70 -2.32 -18.09
C VAL G 40 26.18 -1.06 -18.82
N GLY G 41 25.44 0.04 -18.70
CA GLY G 41 25.85 1.29 -19.31
C GLY G 41 27.18 1.80 -18.77
N ARG G 42 27.39 1.60 -17.48
CA ARG G 42 28.61 2.05 -16.82
C ARG G 42 29.80 1.20 -17.23
N GLN G 43 29.57 -0.11 -17.33
CA GLN G 43 30.65 -1.05 -17.62
C GLN G 43 30.19 -2.18 -18.56
N PRO G 44 30.04 -1.89 -19.87
CA PRO G 44 29.58 -2.80 -20.93
C PRO G 44 30.34 -4.13 -21.02
N GLU G 45 31.62 -4.12 -20.64
CA GLU G 45 32.45 -5.31 -20.72
C GLU G 45 32.15 -6.31 -19.61
N ALA G 46 31.47 -5.85 -18.58
CA ALA G 46 31.11 -6.73 -17.47
C ALA G 46 29.68 -7.24 -17.62
N GLN G 47 29.11 -7.08 -18.81
CA GLN G 47 27.66 -7.24 -18.96
C GLN G 47 27.15 -8.67 -18.78
N SER G 48 27.95 -9.66 -19.15
CA SER G 48 27.53 -11.04 -18.97
C SER G 48 27.40 -11.39 -17.48
N ASP G 49 28.35 -10.93 -16.67
CA ASP G 49 28.28 -11.15 -15.22
C ASP G 49 27.19 -10.34 -14.53
N ILE G 50 26.99 -9.11 -15.00
CA ILE G 50 25.92 -8.27 -14.47
C ILE G 50 24.56 -8.92 -14.73
N ILE G 51 24.31 -9.27 -15.99
CA ILE G 51 23.02 -9.86 -16.37
C ILE G 51 22.75 -11.19 -15.67
N ARG G 52 23.77 -12.02 -15.53
CA ARG G 52 23.63 -13.29 -14.81
C ARG G 52 23.27 -13.09 -13.34
N THR G 53 23.89 -12.10 -12.71
CA THR G 53 23.59 -11.80 -11.31
C THR G 53 22.16 -11.30 -11.21
N MET G 54 21.81 -10.39 -12.12
CA MET G 54 20.46 -9.81 -12.16
C MET G 54 19.39 -10.91 -12.28
N LEU G 55 19.60 -11.86 -13.18
CA LEU G 55 18.62 -12.91 -13.43
C LEU G 55 18.54 -13.92 -12.29
N LEU G 56 19.67 -14.25 -11.69
CA LEU G 56 19.71 -15.10 -10.52
C LEU G 56 18.88 -14.50 -9.38
N GLY G 57 19.17 -13.25 -9.08
CA GLY G 57 18.45 -12.58 -8.01
C GLY G 57 16.97 -12.46 -8.35
N ALA G 58 16.68 -12.19 -9.62
CA ALA G 58 15.29 -12.07 -10.08
C ALA G 58 14.53 -13.39 -9.92
N ALA G 59 15.19 -14.51 -10.23
CA ALA G 59 14.56 -15.83 -10.09
C ALA G 59 14.13 -16.07 -8.66
N VAL G 60 14.99 -15.73 -7.71
CA VAL G 60 14.66 -15.82 -6.30
C VAL G 60 13.41 -14.98 -6.00
N ALA G 61 13.37 -13.76 -6.54
CA ALA G 61 12.26 -12.85 -6.31
C ALA G 61 10.92 -13.36 -6.88
N GLU G 62 11.00 -14.33 -7.78
CA GLU G 62 9.82 -14.83 -8.46
C GLU G 62 9.00 -15.79 -7.59
N THR G 63 9.63 -16.47 -6.63
CA THR G 63 9.01 -17.62 -5.96
C THR G 63 7.66 -17.34 -5.28
N THR G 64 7.52 -16.22 -4.58
CA THR G 64 6.25 -15.97 -3.90
C THR G 64 5.12 -15.59 -4.87
N GLY G 65 5.51 -15.20 -6.08
CA GLY G 65 4.54 -15.05 -7.15
C GLY G 65 4.08 -16.42 -7.58
N ILE G 66 5.03 -17.35 -7.69
CA ILE G 66 4.70 -18.73 -8.03
C ILE G 66 3.84 -19.39 -6.93
N TYR G 67 4.13 -19.08 -5.67
CA TYR G 67 3.35 -19.66 -4.56
C TYR G 67 1.87 -19.27 -4.66
N GLY G 68 1.61 -18.01 -5.00
CA GLY G 68 0.25 -17.51 -5.12
C GLY G 68 -0.45 -18.18 -6.28
N LEU G 69 0.24 -18.28 -7.41
CA LEU G 69 -0.28 -18.96 -8.58
C LEU G 69 -0.70 -20.38 -8.22
N ILE G 70 0.16 -21.08 -7.50
CA ILE G 70 -0.12 -22.46 -7.08
C ILE G 70 -1.37 -22.56 -6.20
N VAL G 71 -1.53 -21.65 -5.24
CA VAL G 71 -2.73 -21.67 -4.42
C VAL G 71 -3.99 -21.42 -5.26
N ALA G 72 -3.92 -20.46 -6.18
CA ALA G 72 -5.04 -20.23 -7.10
C ALA G 72 -5.33 -21.45 -7.95
N LEU G 73 -4.29 -22.05 -8.54
CA LEU G 73 -4.50 -23.23 -9.38
C LEU G 73 -5.11 -24.40 -8.60
N ILE G 74 -4.68 -24.57 -7.35
CA ILE G 74 -5.27 -25.59 -6.48
C ILE G 74 -6.76 -25.32 -6.32
N LEU G 75 -7.11 -24.09 -5.92
CA LEU G 75 -8.50 -23.70 -5.73
C LEU G 75 -9.33 -23.90 -7.00
N LEU G 76 -8.72 -23.63 -8.15
CA LEU G 76 -9.38 -23.82 -9.44
C LEU G 76 -9.50 -25.27 -9.88
N PHE G 77 -8.38 -26.01 -9.85
CA PHE G 77 -8.35 -27.30 -10.55
C PHE G 77 -8.04 -28.53 -9.71
N ALA G 78 -7.72 -28.33 -8.43
CA ALA G 78 -7.51 -29.45 -7.52
C ALA G 78 -8.06 -29.13 -6.12
N ASN G 79 -9.31 -28.68 -6.08
CA ASN G 79 -9.90 -28.09 -4.89
C ASN G 79 -10.23 -29.14 -3.84
N PRO G 80 -9.56 -29.08 -2.67
CA PRO G 80 -9.70 -30.15 -1.67
C PRO G 80 -11.04 -30.12 -0.92
N PHE G 81 -11.79 -29.04 -1.07
CA PHE G 81 -12.96 -28.82 -0.23
C PHE G 81 -14.20 -29.52 -0.77
N PHE G 82 -14.18 -29.84 -2.06
CA PHE G 82 -15.23 -30.66 -2.66
C PHE G 82 -14.63 -31.82 -3.45
N FME H 1 -25.11 -29.87 8.57
CN FME H 1 -24.94 -30.04 9.93
O1 FME H 1 -25.65 -29.50 10.75
CA FME H 1 -23.78 -29.90 7.97
CB FME H 1 -23.53 -31.16 7.15
CG FME H 1 -24.01 -32.47 7.77
SD FME H 1 -22.77 -33.13 8.84
CE FME H 1 -21.91 -34.41 8.00
C FME H 1 -23.55 -28.72 7.06
O FME H 1 -22.43 -28.57 6.58
N GLU H 2 -24.56 -27.89 6.81
CA GLU H 2 -24.37 -26.69 5.97
C GLU H 2 -23.23 -25.84 6.50
N GLY H 3 -23.10 -25.80 7.82
CA GLY H 3 -22.11 -24.96 8.46
C GLY H 3 -20.67 -25.32 8.13
N LEU H 4 -20.44 -26.60 7.82
CA LEU H 4 -19.10 -27.07 7.44
C LEU H 4 -18.72 -26.50 6.09
N ASP H 5 -19.69 -26.39 5.19
CA ASP H 5 -19.43 -25.77 3.90
C ASP H 5 -19.12 -24.30 4.09
N PHE H 6 -19.80 -23.65 5.03
CA PHE H 6 -19.49 -22.26 5.32
C PHE H 6 -18.05 -22.14 5.79
N ILE H 7 -17.61 -23.05 6.66
CA ILE H 7 -16.22 -23.02 7.11
C ILE H 7 -15.27 -23.25 5.94
N LYS H 8 -15.60 -24.20 5.07
CA LYS H 8 -14.75 -24.50 3.93
C LYS H 8 -14.61 -23.30 3.01
N ALA H 9 -15.74 -22.69 2.66
CA ALA H 9 -15.74 -21.50 1.81
C ALA H 9 -14.86 -20.38 2.37
N CYS H 10 -14.94 -20.15 3.68
CA CYS H 10 -14.15 -19.08 4.27
C CYS H 10 -12.67 -19.45 4.36
N SER H 11 -12.40 -20.74 4.43
CA SER H 11 -11.02 -21.22 4.44
C SER H 11 -10.35 -20.97 3.09
N ALA H 12 -11.11 -21.15 2.02
CA ALA H 12 -10.62 -20.86 0.67
C ALA H 12 -10.26 -19.39 0.56
N ILE H 13 -11.14 -18.54 1.07
CA ILE H 13 -10.85 -17.10 1.09
C ILE H 13 -9.65 -16.81 1.97
N GLY H 14 -9.58 -17.46 3.14
CA GLY H 14 -8.49 -17.22 4.06
C GLY H 14 -7.14 -17.65 3.49
N ALA H 15 -7.16 -18.74 2.73
CA ALA H 15 -5.95 -19.25 2.09
C ALA H 15 -5.38 -18.26 1.08
N GLY H 16 -6.25 -17.69 0.27
CA GLY H 16 -5.84 -16.67 -0.68
C GLY H 16 -5.29 -15.44 0.01
N ILE H 17 -5.96 -15.01 1.08
CA ILE H 17 -5.53 -13.81 1.78
C ILE H 17 -4.11 -14.01 2.34
N ALA H 18 -3.84 -15.22 2.82
CA ALA H 18 -2.53 -15.52 3.40
C ALA H 18 -1.40 -15.30 2.38
N MET H 19 -1.72 -15.49 1.10
CA MET H 19 -0.68 -15.39 0.06
C MET H 19 -0.28 -13.96 -0.23
N ILE H 20 -1.04 -12.99 0.28
CA ILE H 20 -0.68 -11.59 0.14
C ILE H 20 0.69 -11.32 0.80
N ALA H 21 1.02 -12.08 1.84
CA ALA H 21 2.37 -12.02 2.44
C ALA H 21 3.48 -12.05 1.39
N GLY H 22 3.22 -12.72 0.28
CA GLY H 22 4.20 -12.87 -0.78
C GLY H 22 4.59 -11.56 -1.46
N VAL H 23 3.77 -10.53 -1.30
CA VAL H 23 4.14 -9.22 -1.87
C VAL H 23 5.53 -8.79 -1.35
N GLY H 24 5.77 -8.99 -0.06
CA GLY H 24 6.99 -8.50 0.59
C GLY H 24 8.32 -9.04 0.07
N PRO H 25 8.50 -10.35 0.10
CA PRO H 25 9.76 -10.91 -0.43
C PRO H 25 9.97 -10.62 -1.91
N GLY H 26 8.88 -10.49 -2.67
CA GLY H 26 8.99 -10.14 -4.07
C GLY H 26 9.70 -8.80 -4.24
N ILE H 27 9.28 -7.81 -3.46
CA ILE H 27 9.88 -6.47 -3.51
C ILE H 27 11.30 -6.48 -2.98
N GLY H 28 11.50 -7.11 -1.83
CA GLY H 28 12.77 -7.04 -1.12
C GLY H 28 13.90 -7.75 -1.85
N GLN H 29 13.59 -8.93 -2.36
CA GLN H 29 14.59 -9.73 -3.08
C GLN H 29 14.93 -9.12 -4.43
N GLY H 30 13.96 -8.42 -5.04
CA GLY H 30 14.22 -7.72 -6.28
C GLY H 30 15.21 -6.58 -6.05
N PHE H 31 15.09 -5.93 -4.91
CA PHE H 31 16.05 -4.89 -4.53
C PHE H 31 17.44 -5.51 -4.38
N ALA H 32 17.53 -6.63 -3.65
CA ALA H 32 18.81 -7.33 -3.46
C ALA H 32 19.43 -7.70 -4.79
N ALA H 33 18.59 -8.17 -5.72
CA ALA H 33 19.06 -8.52 -7.07
C ALA H 33 19.65 -7.33 -7.79
N GLY H 34 18.96 -6.17 -7.71
CA GLY H 34 19.50 -4.98 -8.33
C GLY H 34 20.83 -4.54 -7.72
N LYS H 35 20.89 -4.55 -6.38
CA LYS H 35 22.12 -4.11 -5.69
C LYS H 35 23.27 -5.07 -5.98
N GLY H 36 22.96 -6.35 -6.06
CA GLY H 36 23.96 -7.36 -6.38
C GLY H 36 24.48 -7.16 -7.79
N ALA H 37 23.59 -6.92 -8.74
CA ALA H 37 24.04 -6.73 -10.13
C ALA H 37 24.89 -5.48 -10.27
N GLU H 38 24.48 -4.42 -9.58
CA GLU H 38 25.24 -3.17 -9.56
C GLU H 38 26.62 -3.38 -8.96
N ALA H 39 26.69 -4.14 -7.86
CA ALA H 39 27.96 -4.39 -7.18
C ALA H 39 28.88 -5.24 -8.02
N VAL H 40 28.31 -6.18 -8.78
CA VAL H 40 29.11 -7.03 -9.63
C VAL H 40 29.74 -6.22 -10.78
N GLY H 41 28.98 -5.29 -11.35
CA GLY H 41 29.52 -4.44 -12.39
C GLY H 41 30.67 -3.59 -11.90
N ARG H 42 30.55 -3.07 -10.68
CA ARG H 42 31.56 -2.23 -10.07
C ARG H 42 32.84 -3.01 -9.74
N GLN H 43 32.68 -4.23 -9.26
CA GLN H 43 33.85 -5.01 -8.83
C GLN H 43 33.68 -6.49 -9.17
N PRO H 44 33.81 -6.85 -10.46
CA PRO H 44 33.60 -8.23 -10.94
C PRO H 44 34.43 -9.27 -10.21
N GLU H 45 35.60 -8.87 -9.71
CA GLU H 45 36.48 -9.79 -9.00
C GLU H 45 35.85 -10.29 -7.70
N ALA H 46 34.94 -9.49 -7.14
CA ALA H 46 34.33 -9.82 -5.86
C ALA H 46 32.99 -10.54 -6.02
N GLN H 47 32.68 -10.99 -7.23
CA GLN H 47 31.30 -11.43 -7.50
C GLN H 47 30.85 -12.62 -6.66
N SER H 48 31.75 -13.57 -6.35
CA SER H 48 31.31 -14.74 -5.60
C SER H 48 30.87 -14.35 -4.19
N ASP H 49 31.60 -13.42 -3.56
CA ASP H 49 31.18 -12.89 -2.26
C ASP H 49 29.91 -12.05 -2.32
N ILE H 50 29.81 -11.21 -3.34
CA ILE H 50 28.61 -10.38 -3.50
C ILE H 50 27.36 -11.25 -3.60
N ILE H 51 27.43 -12.24 -4.48
CA ILE H 51 26.31 -13.13 -4.74
C ILE H 51 25.95 -13.99 -3.53
N ARG H 52 26.96 -14.52 -2.86
CA ARG H 52 26.74 -15.32 -1.67
C ARG H 52 26.03 -14.50 -0.60
N THR H 53 26.45 -13.25 -0.42
CA THR H 53 25.83 -12.36 0.55
C THR H 53 24.41 -12.01 0.11
N MET H 54 24.24 -11.71 -1.17
CA MET H 54 22.92 -11.45 -1.75
C MET H 54 21.94 -12.61 -1.50
N LEU H 55 22.41 -13.83 -1.71
CA LEU H 55 21.54 -15.02 -1.55
C LEU H 55 21.23 -15.34 -0.09
N LEU H 56 22.21 -15.17 0.77
CA LEU H 56 22.02 -15.37 2.21
C LEU H 56 20.94 -14.40 2.72
N GLY H 57 21.08 -13.13 2.41
CA GLY H 57 20.08 -12.15 2.82
C GLY H 57 18.73 -12.43 2.19
N ALA H 58 18.73 -12.81 0.91
CA ALA H 58 17.50 -13.18 0.22
C ALA H 58 16.79 -14.38 0.88
N ALA H 59 17.58 -15.36 1.32
CA ALA H 59 17.00 -16.52 2.02
C ALA H 59 16.23 -16.10 3.26
N VAL H 60 16.80 -15.18 4.03
CA VAL H 60 16.11 -14.63 5.20
C VAL H 60 14.81 -13.91 4.83
N ALA H 61 14.85 -13.08 3.79
CA ALA H 61 13.69 -12.32 3.37
C ALA H 61 12.57 -13.22 2.86
N GLU H 62 12.91 -14.48 2.56
CA GLU H 62 11.94 -15.44 2.05
C GLU H 62 10.97 -15.93 3.13
N THR H 63 11.41 -15.95 4.39
CA THR H 63 10.70 -16.70 5.42
C THR H 63 9.21 -16.36 5.59
N THR H 64 8.84 -15.09 5.51
CA THR H 64 7.45 -14.72 5.79
C THR H 64 6.52 -15.06 4.61
N GLY H 65 7.10 -15.22 3.43
CA GLY H 65 6.34 -15.71 2.29
C GLY H 65 6.00 -17.16 2.54
N ILE H 66 6.99 -17.92 3.01
CA ILE H 66 6.77 -19.32 3.34
C ILE H 66 5.79 -19.51 4.51
N TYR H 67 5.87 -18.66 5.53
CA TYR H 67 4.87 -18.70 6.62
C TYR H 67 3.45 -18.55 6.05
N GLY H 68 3.29 -17.64 5.08
CA GLY H 68 2.00 -17.42 4.45
C GLY H 68 1.54 -18.67 3.72
N LEU H 69 2.45 -19.22 2.92
CA LEU H 69 2.21 -20.45 2.18
C LEU H 69 1.78 -21.56 3.13
N ILE H 70 2.44 -21.66 4.26
CA ILE H 70 2.11 -22.69 5.25
C ILE H 70 0.69 -22.52 5.80
N VAL H 71 0.31 -21.29 6.14
CA VAL H 71 -1.05 -21.07 6.63
C VAL H 71 -2.09 -21.43 5.55
N ALA H 72 -1.80 -21.05 4.30
CA ALA H 72 -2.64 -21.44 3.18
C ALA H 72 -2.76 -22.97 3.07
N LEU H 73 -1.63 -23.66 3.08
CA LEU H 73 -1.65 -25.11 2.94
C LEU H 73 -2.36 -25.79 4.11
N ILE H 74 -2.25 -25.21 5.31
CA ILE H 74 -3.00 -25.75 6.44
C ILE H 74 -4.50 -25.66 6.18
N LEU H 75 -4.94 -24.47 5.80
CA LEU H 75 -6.35 -24.22 5.54
C LEU H 75 -6.87 -25.12 4.43
N LEU H 76 -5.99 -25.43 3.47
CA LEU H 76 -6.34 -26.29 2.34
C LEU H 76 -6.31 -27.80 2.61
N PHE H 77 -5.22 -28.28 3.21
CA PHE H 77 -4.98 -29.73 3.27
C PHE H 77 -4.86 -30.35 4.67
N ALA H 78 -4.88 -29.52 5.71
CA ALA H 78 -4.82 -30.01 7.09
C ALA H 78 -5.64 -29.10 7.98
N ASN H 79 -6.88 -28.86 7.59
CA ASN H 79 -7.71 -27.85 8.21
C ASN H 79 -8.32 -28.36 9.53
N PRO H 80 -7.99 -27.70 10.64
CA PRO H 80 -8.40 -28.13 11.98
C PRO H 80 -9.86 -27.82 12.30
N PHE H 81 -10.53 -27.09 11.41
CA PHE H 81 -11.89 -26.64 11.67
C PHE H 81 -12.97 -27.63 11.24
N PHE H 82 -12.59 -28.62 10.44
CA PHE H 82 -13.52 -29.70 10.07
C PHE H 82 -12.84 -31.07 9.97
N FME I 1 -26.29 -25.36 10.83
CN FME I 1 -25.89 -25.92 9.65
O1 FME I 1 -25.29 -26.98 9.67
CA FME I 1 -25.69 -24.03 10.90
CB FME I 1 -26.58 -23.03 10.16
CG FME I 1 -25.86 -21.71 9.97
SD FME I 1 -24.73 -21.90 8.63
CE FME I 1 -23.15 -21.44 9.21
C FME I 1 -25.58 -23.67 12.36
O FME I 1 -26.60 -23.55 13.05
N GLU I 2 -24.36 -23.51 12.82
CA GLU I 2 -24.08 -23.27 14.23
C GLU I 2 -23.28 -22.01 14.40
N GLY I 3 -23.39 -21.38 15.57
CA GLY I 3 -22.55 -20.24 15.90
C GLY I 3 -21.09 -20.62 15.91
N LEU I 4 -20.82 -21.87 16.28
CA LEU I 4 -19.47 -22.43 16.24
C LEU I 4 -18.88 -22.35 14.82
N ASP I 5 -19.70 -22.62 13.81
CA ASP I 5 -19.20 -22.54 12.43
C ASP I 5 -18.84 -21.10 12.08
N PHE I 6 -19.64 -20.14 12.53
CA PHE I 6 -19.32 -18.74 12.28
C PHE I 6 -17.98 -18.35 12.92
N ILE I 7 -17.73 -18.81 14.14
CA ILE I 7 -16.47 -18.50 14.81
C ILE I 7 -15.27 -19.06 14.03
N LYS I 8 -15.38 -20.33 13.64
CA LYS I 8 -14.33 -21.00 12.87
C LYS I 8 -14.07 -20.32 11.52
N ALA I 9 -15.15 -19.99 10.81
CA ALA I 9 -15.00 -19.31 9.52
C ALA I 9 -14.26 -18.00 9.68
N CYS I 10 -14.63 -17.21 10.68
CA CYS I 10 -13.99 -15.93 10.91
C CYS I 10 -12.54 -16.13 11.33
N SER I 11 -12.30 -17.21 12.06
CA SER I 11 -10.95 -17.54 12.51
C SER I 11 -10.08 -17.90 11.32
N ALA I 12 -10.63 -18.65 10.37
CA ALA I 12 -9.92 -18.99 9.13
C ALA I 12 -9.50 -17.73 8.39
N ILE I 13 -10.45 -16.81 8.19
CA ILE I 13 -10.15 -15.54 7.52
C ILE I 13 -9.18 -14.66 8.33
N GLY I 14 -9.40 -14.58 9.64
CA GLY I 14 -8.54 -13.80 10.50
C GLY I 14 -7.11 -14.31 10.56
N ALA I 15 -6.94 -15.63 10.53
CA ALA I 15 -5.61 -16.23 10.43
C ALA I 15 -4.91 -15.77 9.15
N GLY I 16 -5.65 -15.79 8.03
CA GLY I 16 -5.12 -15.35 6.75
C GLY I 16 -4.73 -13.90 6.76
N ILE I 17 -5.57 -13.05 7.36
CA ILE I 17 -5.29 -11.62 7.43
C ILE I 17 -4.03 -11.34 8.24
N ALA I 18 -3.84 -12.11 9.31
CA ALA I 18 -2.68 -11.93 10.20
C ALA I 18 -1.37 -12.11 9.45
N MET I 19 -1.39 -12.96 8.41
CA MET I 19 -0.17 -13.26 7.66
C MET I 19 0.22 -12.11 6.74
N ILE I 20 -0.70 -11.15 6.55
CA ILE I 20 -0.36 -9.96 5.77
C ILE I 20 0.84 -9.23 6.42
N ALA I 21 0.96 -9.33 7.74
CA ALA I 21 2.12 -8.76 8.47
C ALA I 21 3.46 -9.13 7.82
N GLY I 22 3.52 -10.34 7.24
CA GLY I 22 4.73 -10.82 6.61
C GLY I 22 5.23 -10.02 5.40
N VAL I 23 4.39 -9.15 4.84
CA VAL I 23 4.83 -8.25 3.77
C VAL I 23 6.02 -7.39 4.25
N GLY I 24 5.96 -6.94 5.48
CA GLY I 24 6.95 -5.99 6.00
C GLY I 24 8.37 -6.54 6.09
N PRO I 25 8.59 -7.64 6.81
CA PRO I 25 9.95 -8.22 6.86
C PRO I 25 10.49 -8.61 5.48
N GLY I 26 9.61 -9.01 4.56
CA GLY I 26 10.07 -9.40 3.23
C GLY I 26 10.71 -8.23 2.51
N ILE I 27 10.08 -7.07 2.61
CA ILE I 27 10.64 -5.84 2.04
C ILE I 27 11.89 -5.41 2.80
N GLY I 28 11.79 -5.30 4.12
CA GLY I 28 12.86 -4.71 4.90
C GLY I 28 14.13 -5.53 4.86
N GLN I 29 13.99 -6.84 5.03
CA GLN I 29 15.13 -7.75 4.96
C GLN I 29 15.75 -7.87 3.56
N GLY I 30 14.92 -7.73 2.53
CA GLY I 30 15.42 -7.67 1.17
C GLY I 30 16.24 -6.40 0.97
N PHE I 31 15.81 -5.29 1.58
CA PHE I 31 16.64 -4.09 1.57
C PHE I 31 17.98 -4.38 2.26
N ALA I 32 17.93 -5.02 3.41
CA ALA I 32 19.15 -5.35 4.13
C ALA I 32 20.08 -6.23 3.30
N ALA I 33 19.49 -7.20 2.58
CA ALA I 33 20.29 -8.10 1.75
C ALA I 33 20.99 -7.31 0.64
N GLY I 34 20.29 -6.34 0.08
CA GLY I 34 20.85 -5.52 -0.97
C GLY I 34 22.00 -4.66 -0.47
N LYS I 35 21.84 -4.06 0.71
CA LYS I 35 22.88 -3.20 1.27
C LYS I 35 24.09 -4.02 1.67
N GLY I 36 23.85 -5.22 2.20
CA GLY I 36 24.95 -6.11 2.55
C GLY I 36 25.74 -6.58 1.34
N ALA I 37 25.05 -6.89 0.25
CA ALA I 37 25.75 -7.32 -0.97
C ALA I 37 26.61 -6.17 -1.51
N GLU I 38 26.03 -4.97 -1.50
CA GLU I 38 26.75 -3.77 -1.94
C GLU I 38 27.98 -3.51 -1.07
N ALA I 39 27.81 -3.68 0.24
CA ALA I 39 28.89 -3.37 1.19
C ALA I 39 30.03 -4.33 1.07
N VAL I 40 29.70 -5.62 0.87
CA VAL I 40 30.72 -6.63 0.71
C VAL I 40 31.54 -6.40 -0.58
N GLY I 41 30.87 -5.94 -1.63
CA GLY I 41 31.56 -5.66 -2.88
C GLY I 41 32.58 -4.55 -2.71
N ARG I 42 32.20 -3.50 -2.00
CA ARG I 42 33.08 -2.37 -1.71
C ARG I 42 34.24 -2.72 -0.78
N GLN I 43 33.96 -3.53 0.24
CA GLN I 43 34.93 -3.80 1.31
C GLN I 43 34.93 -5.29 1.71
N PRO I 44 35.46 -6.17 0.84
CA PRO I 44 35.39 -7.62 1.06
C PRO I 44 36.11 -8.09 2.32
N GLU I 45 36.99 -7.24 2.85
CA GLU I 45 37.78 -7.60 4.02
C GLU I 45 36.97 -7.39 5.30
N ALA I 46 35.82 -6.75 5.16
CA ALA I 46 34.95 -6.47 6.29
C ALA I 46 33.71 -7.35 6.23
N GLN I 47 33.75 -8.34 5.34
CA GLN I 47 32.59 -9.17 5.01
C GLN I 47 31.95 -9.82 6.22
N SER I 48 32.76 -10.36 7.12
CA SER I 48 32.24 -11.00 8.33
C SER I 48 31.43 -10.03 9.21
N ASP I 49 31.98 -8.83 9.40
CA ASP I 49 31.30 -7.83 10.21
C ASP I 49 30.03 -7.31 9.55
N ILE I 50 30.09 -7.12 8.23
CA ILE I 50 28.94 -6.62 7.49
C ILE I 50 27.79 -7.62 7.58
N ILE I 51 28.12 -8.89 7.40
CA ILE I 51 27.11 -9.95 7.40
C ILE I 51 26.49 -10.14 8.78
N ARG I 52 27.31 -10.18 9.83
CA ARG I 52 26.79 -10.32 11.19
C ARG I 52 25.82 -9.18 11.53
N THR I 53 26.18 -7.97 11.13
CA THR I 53 25.33 -6.80 11.36
C THR I 53 24.02 -6.89 10.60
N MET I 54 24.12 -7.25 9.31
CA MET I 54 22.95 -7.48 8.47
C MET I 54 22.01 -8.52 9.10
N LEU I 55 22.56 -9.62 9.58
CA LEU I 55 21.75 -10.68 10.16
C LEU I 55 21.15 -10.31 11.51
N LEU I 56 21.90 -9.58 12.34
CA LEU I 56 21.35 -9.11 13.61
C LEU I 56 20.15 -8.21 13.37
N GLY I 57 20.29 -7.27 12.44
CA GLY I 57 19.22 -6.34 12.12
C GLY I 57 18.04 -7.04 11.48
N ALA I 58 18.33 -8.02 10.63
CA ALA I 58 17.27 -8.79 9.98
C ALA I 58 16.50 -9.62 11.01
N ALA I 59 17.19 -10.13 12.03
CA ALA I 59 16.56 -10.89 13.10
C ALA I 59 15.51 -10.03 13.82
N VAL I 60 15.89 -8.80 14.16
CA VAL I 60 14.95 -7.85 14.73
C VAL I 60 13.75 -7.61 13.80
N ALA I 61 14.00 -7.44 12.49
CA ALA I 61 12.92 -7.14 11.53
C ALA I 61 11.99 -8.31 11.32
N GLU I 62 12.40 -9.50 11.77
CA GLU I 62 11.58 -10.70 11.58
C GLU I 62 10.41 -10.76 12.57
N THR I 63 10.54 -10.09 13.71
CA THR I 63 9.65 -10.40 14.83
C THR I 63 8.14 -10.22 14.55
N THR I 64 7.74 -9.14 13.89
CA THR I 64 6.31 -8.90 13.65
C THR I 64 5.75 -9.89 12.64
N GLY I 65 6.64 -10.45 11.80
CA GLY I 65 6.27 -11.58 10.97
C GLY I 65 5.95 -12.78 11.85
N ILE I 66 6.78 -13.04 12.86
CA ILE I 66 6.53 -14.14 13.80
C ILE I 66 5.28 -13.87 14.64
N TYR I 67 5.05 -12.61 15.03
CA TYR I 67 3.84 -12.29 15.80
C TYR I 67 2.57 -12.66 15.02
N GLY I 68 2.57 -12.35 13.72
CA GLY I 68 1.46 -12.67 12.85
C GLY I 68 1.24 -14.17 12.76
N LEU I 69 2.32 -14.92 12.53
CA LEU I 69 2.26 -16.36 12.46
C LEU I 69 1.73 -16.95 13.76
N ILE I 70 2.23 -16.46 14.89
CA ILE I 70 1.80 -16.97 16.19
C ILE I 70 0.30 -16.77 16.39
N VAL I 71 -0.19 -15.57 16.03
CA VAL I 71 -1.61 -15.28 16.12
C VAL I 71 -2.41 -16.19 15.19
N ALA I 72 -1.94 -16.37 13.95
CA ALA I 72 -2.56 -17.34 13.04
C ALA I 72 -2.62 -18.75 13.63
N LEU I 73 -1.51 -19.20 14.21
CA LEU I 73 -1.47 -20.57 14.79
C LEU I 73 -2.39 -20.70 16.00
N ILE I 74 -2.52 -19.63 16.78
CA ILE I 74 -3.47 -19.65 17.89
C ILE I 74 -4.89 -19.81 17.35
N LEU I 75 -5.24 -19.00 16.35
CA LEU I 75 -6.58 -19.05 15.76
C LEU I 75 -6.86 -20.43 15.15
N LEU I 76 -5.82 -21.10 14.69
CA LEU I 76 -5.97 -22.43 14.09
C LEU I 76 -5.97 -23.58 15.11
N PHE I 77 -5.01 -23.58 16.02
CA PHE I 77 -4.75 -24.77 16.84
C PHE I 77 -4.91 -24.63 18.35
N ALA I 78 -5.16 -23.41 18.84
CA ALA I 78 -5.42 -23.21 20.28
C ALA I 78 -6.41 -22.08 20.46
N ASN I 79 -7.54 -22.20 19.77
CA ASN I 79 -8.49 -21.13 19.67
C ASN I 79 -9.28 -20.97 20.97
N PRO I 80 -9.15 -19.79 21.60
CA PRO I 80 -9.78 -19.57 22.92
C PRO I 80 -11.28 -19.35 22.84
N PHE I 81 -11.80 -19.21 21.62
CA PHE I 81 -13.20 -18.92 21.41
C PHE I 81 -14.07 -20.16 21.44
N PHE I 82 -13.44 -21.33 21.37
CA PHE I 82 -14.18 -22.58 21.55
C PHE I 82 -13.33 -23.69 22.18
N FME J 1 -30.42 -8.84 -4.43
CN FME J 1 -30.94 -8.78 -5.70
O1 FME J 1 -30.23 -9.01 -6.67
CA FME J 1 -31.46 -9.16 -3.43
CB FME J 1 -32.85 -8.71 -3.86
CG FME J 1 -33.12 -7.23 -3.58
SD FME J 1 -34.58 -7.11 -2.58
CE FME J 1 -35.88 -7.99 -3.36
C FME J 1 -31.45 -10.65 -3.24
O FME J 1 -31.30 -11.41 -4.20
N ILE J 2 -31.61 -11.10 -2.00
CA ILE J 2 -31.61 -12.53 -1.72
C ILE J 2 -33.04 -13.02 -1.50
N GLY J 3 -33.60 -13.67 -2.51
CA GLY J 3 -35.00 -14.02 -2.51
C GLY J 3 -35.84 -12.76 -2.52
N ASP J 4 -36.31 -12.36 -1.34
CA ASP J 4 -37.16 -11.18 -1.19
C ASP J 4 -36.49 -10.15 -0.27
N MET J 5 -35.80 -10.65 0.74
CA MET J 5 -35.05 -9.79 1.65
C MET J 5 -33.89 -9.18 0.88
N ASN J 6 -33.62 -7.89 1.09
CA ASN J 6 -32.39 -7.33 0.54
C ASN J 6 -31.20 -7.97 1.25
N ILE J 7 -30.03 -7.94 0.61
CA ILE J 7 -28.87 -8.66 1.14
C ILE J 7 -28.52 -8.27 2.58
N VAL J 8 -28.81 -7.02 2.94
CA VAL J 8 -28.57 -6.53 4.30
C VAL J 8 -29.47 -7.25 5.32
N ASP J 9 -30.78 -7.24 5.05
CA ASP J 9 -31.72 -7.96 5.90
C ASP J 9 -31.42 -9.46 5.91
N PHE J 10 -30.91 -9.97 4.79
CA PHE J 10 -30.56 -11.38 4.69
C PHE J 10 -29.41 -11.69 5.63
N VAL J 11 -28.40 -10.84 5.61
CA VAL J 11 -27.20 -11.02 6.42
C VAL J 11 -27.51 -10.88 7.92
N ILE J 12 -28.36 -9.92 8.25
CA ILE J 12 -28.79 -9.71 9.63
C ILE J 12 -29.57 -10.92 10.14
N GLN J 13 -30.52 -11.40 9.34
CA GLN J 13 -31.27 -12.62 9.68
C GLN J 13 -30.32 -13.80 9.84
N PHE J 14 -29.39 -13.96 8.89
CA PHE J 14 -28.36 -15.00 8.99
C PHE J 14 -27.62 -14.91 10.32
N LEU J 15 -27.15 -13.71 10.65
CA LEU J 15 -26.42 -13.50 11.90
C LEU J 15 -27.32 -13.60 13.14
N SER J 16 -28.62 -13.33 12.97
CA SER J 16 -29.55 -13.31 14.09
C SER J 16 -29.81 -14.68 14.71
N GLN J 17 -29.61 -15.73 13.93
CA GLN J 17 -29.92 -17.09 14.38
C GLN J 17 -28.93 -17.60 15.42
N PHE J 18 -27.74 -17.01 15.46
CA PHE J 18 -26.70 -17.42 16.39
C PHE J 18 -26.81 -16.73 17.73
N ASP J 19 -26.38 -17.41 18.79
CA ASP J 19 -26.16 -16.75 20.08
C ASP J 19 -25.21 -15.58 19.88
N PRO J 20 -25.57 -14.41 20.42
CA PRO J 20 -24.81 -13.15 20.25
C PRO J 20 -23.32 -13.31 20.50
N VAL J 21 -22.97 -14.12 21.51
CA VAL J 21 -21.56 -14.31 21.88
C VAL J 21 -20.74 -14.91 20.74
N ASP J 22 -21.31 -15.86 20.02
CA ASP J 22 -20.65 -16.43 18.85
C ASP J 22 -20.39 -15.37 17.79
N VAL J 23 -21.37 -14.49 17.57
CA VAL J 23 -21.20 -13.43 16.59
C VAL J 23 -20.09 -12.49 17.04
N ILE J 24 -20.09 -12.17 18.33
CA ILE J 24 -19.08 -11.27 18.88
C ILE J 24 -17.69 -11.89 18.77
N LYS J 25 -17.59 -13.18 19.11
CA LYS J 25 -16.32 -13.90 18.97
C LYS J 25 -15.83 -13.91 17.51
N GLY J 26 -16.75 -14.13 16.57
CA GLY J 26 -16.38 -14.16 15.17
C GLY J 26 -15.75 -12.86 14.71
N PHE J 27 -16.39 -11.75 15.07
CA PHE J 27 -15.90 -10.45 14.66
C PHE J 27 -14.62 -10.09 15.41
N SER J 28 -14.47 -10.62 16.62
CA SER J 28 -13.23 -10.46 17.37
C SER J 28 -12.07 -11.13 16.62
N ALA J 29 -12.31 -12.33 16.11
CA ALA J 29 -11.29 -13.03 15.30
C ALA J 29 -10.82 -12.16 14.13
N LEU J 30 -11.77 -11.53 13.45
CA LEU J 30 -11.41 -10.63 12.35
C LEU J 30 -10.63 -9.44 12.88
N GLY J 31 -11.08 -8.87 14.00
CA GLY J 31 -10.40 -7.74 14.59
C GLY J 31 -8.97 -8.10 14.93
N ILE J 32 -8.82 -9.32 15.43
CA ILE J 32 -7.53 -9.87 15.79
C ILE J 32 -6.56 -9.95 14.60
N GLY J 33 -7.01 -10.50 13.49
CA GLY J 33 -6.16 -10.60 12.31
C GLY J 33 -5.80 -9.22 11.80
N LEU J 34 -6.78 -8.33 11.78
CA LEU J 34 -6.58 -6.97 11.27
C LEU J 34 -5.56 -6.18 12.09
N ALA J 35 -5.58 -6.32 13.41
CA ALA J 35 -4.62 -5.64 14.27
C ALA J 35 -3.18 -5.97 13.86
N MET J 36 -2.96 -7.24 13.53
CA MET J 36 -1.62 -7.73 13.23
C MET J 36 -1.06 -7.17 11.92
N VAL J 37 -1.93 -6.61 11.08
CA VAL J 37 -1.46 -6.01 9.83
C VAL J 37 -0.45 -4.88 10.10
N ALA J 38 -0.56 -4.27 11.29
CA ALA J 38 0.37 -3.21 11.71
C ALA J 38 1.82 -3.68 11.65
N GLY J 39 2.03 -4.99 11.79
CA GLY J 39 3.36 -5.58 11.77
C GLY J 39 4.13 -5.35 10.47
N VAL J 40 3.42 -4.99 9.41
CA VAL J 40 4.09 -4.60 8.17
C VAL J 40 5.12 -3.48 8.42
N GLY J 41 4.72 -2.48 9.20
CA GLY J 41 5.54 -1.30 9.44
C GLY J 41 6.93 -1.56 10.03
N PRO J 42 6.99 -2.14 11.24
CA PRO J 42 8.32 -2.44 11.83
C PRO J 42 9.17 -3.35 10.94
N GLY J 43 8.53 -4.27 10.22
CA GLY J 43 9.26 -5.12 9.28
C GLY J 43 10.01 -4.32 8.21
N ILE J 44 9.33 -3.36 7.58
CA ILE J 44 9.96 -2.50 6.57
C ILE J 44 11.03 -1.61 7.20
N GLY J 45 10.66 -0.93 8.26
CA GLY J 45 11.51 0.07 8.89
C GLY J 45 12.76 -0.51 9.52
N GLN J 46 12.62 -1.61 10.27
CA GLN J 46 13.77 -2.23 10.92
C GLN J 46 14.71 -2.91 9.91
N GLY J 47 14.14 -3.36 8.80
CA GLY J 47 14.93 -3.92 7.72
C GLY J 47 15.76 -2.84 7.08
N PHE J 48 15.17 -1.67 6.89
CA PHE J 48 15.94 -0.52 6.40
C PHE J 48 17.11 -0.23 7.36
N ALA J 49 16.82 -0.21 8.67
CA ALA J 49 17.87 0.06 9.67
C ALA J 49 18.98 -0.99 9.57
N ALA J 50 18.59 -2.24 9.35
CA ALA J 50 19.54 -3.33 9.20
C ALA J 50 20.50 -3.10 8.02
N GLY J 51 19.94 -2.66 6.91
CA GLY J 51 20.73 -2.38 5.72
C GLY J 51 21.70 -1.21 5.93
N LYS J 52 21.19 -0.10 6.48
CA LYS J 52 22.04 1.04 6.77
C LYS J 52 23.10 0.71 7.81
N GLY J 53 22.74 -0.14 8.77
CA GLY J 53 23.70 -0.61 9.75
C GLY J 53 24.81 -1.41 9.07
N ALA J 54 24.44 -2.34 8.19
CA ALA J 54 25.43 -3.16 7.49
C ALA J 54 26.36 -2.31 6.63
N GLU J 55 25.79 -1.34 5.92
CA GLU J 55 26.56 -0.40 5.10
C GLU J 55 27.56 0.40 5.93
N ALA J 56 27.10 0.92 7.08
CA ALA J 56 27.95 1.76 7.91
C ALA J 56 29.11 0.98 8.49
N VAL J 57 28.83 -0.25 8.91
CA VAL J 57 29.88 -1.08 9.51
C VAL J 57 30.94 -1.41 8.47
N GLY J 58 30.49 -1.67 7.25
CA GLY J 58 31.42 -1.91 6.16
C GLY J 58 32.36 -0.73 5.95
N LYS J 59 31.83 0.48 6.07
CA LYS J 59 32.64 1.70 5.86
C LYS J 59 33.56 2.01 7.03
N ASN J 60 33.11 1.72 8.24
CA ASN J 60 33.89 2.05 9.43
C ASN J 60 33.82 0.96 10.49
N PRO J 61 34.48 -0.17 10.21
CA PRO J 61 34.39 -1.35 11.09
C PRO J 61 34.83 -1.10 12.54
N THR J 62 35.81 -0.24 12.78
CA THR J 62 36.23 0.03 14.16
C THR J 62 35.16 0.77 14.98
N LYS J 63 34.06 1.15 14.34
CA LYS J 63 32.99 1.83 15.05
C LYS J 63 31.71 1.00 15.13
N SER J 64 31.84 -0.31 14.91
CA SER J 64 30.67 -1.17 14.83
C SER J 64 29.84 -1.11 16.12
N ASN J 65 30.51 -0.99 17.27
CA ASN J 65 29.77 -0.95 18.53
C ASN J 65 28.78 0.23 18.62
N ASP J 66 29.24 1.43 18.27
CA ASP J 66 28.37 2.60 18.27
C ASP J 66 27.28 2.53 17.20
N ILE J 67 27.64 2.06 16.02
CA ILE J 67 26.68 1.89 14.92
C ILE J 67 25.58 0.91 15.32
N VAL J 68 25.97 -0.24 15.83
CA VAL J 68 25.00 -1.26 16.19
C VAL J 68 24.12 -0.81 17.36
N MET J 69 24.73 -0.11 18.32
CA MET J 69 23.99 0.38 19.47
C MET J 69 22.82 1.26 19.04
N ILE J 70 23.08 2.27 18.21
CA ILE J 70 21.99 3.15 17.80
C ILE J 70 21.02 2.44 16.86
N MET J 71 21.53 1.51 16.05
CA MET J 71 20.66 0.74 15.17
C MET J 71 19.63 -0.01 16.00
N LEU J 72 20.09 -0.66 17.06
CA LEU J 72 19.22 -1.45 17.93
C LEU J 72 18.26 -0.60 18.78
N LEU J 73 18.79 0.47 19.38
CA LEU J 73 17.94 1.39 20.13
C LEU J 73 16.82 1.93 19.27
N GLY J 74 17.16 2.42 18.07
CA GLY J 74 16.17 3.01 17.20
C GLY J 74 15.18 1.97 16.70
N ALA J 75 15.69 0.76 16.47
CA ALA J 75 14.82 -0.33 16.02
C ALA J 75 13.87 -0.73 17.14
N ALA J 76 14.33 -0.62 18.39
CA ALA J 76 13.48 -0.94 19.54
C ALA J 76 12.25 -0.03 19.56
N VAL J 77 12.50 1.26 19.32
CA VAL J 77 11.41 2.25 19.26
C VAL J 77 10.41 1.87 18.16
N ALA J 78 10.92 1.51 16.98
CA ALA J 78 10.07 1.11 15.86
C ALA J 78 9.20 -0.11 16.18
N GLU J 79 9.69 -0.97 17.07
CA GLU J 79 8.97 -2.18 17.47
C GLU J 79 7.63 -1.88 18.17
N THR J 80 7.52 -0.73 18.83
CA THR J 80 6.36 -0.47 19.71
C THR J 80 4.99 -0.63 19.05
N SER J 81 4.83 -0.11 17.83
CA SER J 81 3.58 -0.26 17.09
C SER J 81 3.20 -1.72 16.92
N GLY J 82 4.20 -2.57 16.71
CA GLY J 82 3.96 -4.00 16.55
C GLY J 82 3.56 -4.62 17.87
N ILE J 83 4.22 -4.19 18.96
CA ILE J 83 3.88 -4.67 20.29
C ILE J 83 2.44 -4.28 20.62
N PHE J 84 2.09 -3.03 20.34
CA PHE J 84 0.76 -2.54 20.70
C PHE J 84 -0.33 -3.39 20.04
N SER J 85 -0.16 -3.65 18.74
CA SER J 85 -1.11 -4.49 18.03
C SER J 85 -1.19 -5.88 18.61
N LEU J 86 -0.03 -6.43 18.97
CA LEU J 86 0.02 -7.75 19.57
C LEU J 86 -0.77 -7.76 20.87
N VAL J 87 -0.64 -6.69 21.67
CA VAL J 87 -1.37 -6.58 22.93
C VAL J 87 -2.88 -6.57 22.68
N ILE J 88 -3.33 -5.74 21.75
CA ILE J 88 -4.74 -5.66 21.39
C ILE J 88 -5.28 -7.02 20.95
N ALA J 89 -4.51 -7.70 20.10
CA ALA J 89 -4.89 -9.05 19.64
C ALA J 89 -4.96 -10.02 20.81
N LEU J 90 -3.95 -9.96 21.68
CA LEU J 90 -3.94 -10.84 22.85
C LEU J 90 -5.10 -10.57 23.79
N ILE J 91 -5.49 -9.30 23.91
CA ILE J 91 -6.64 -8.97 24.75
C ILE J 91 -7.91 -9.53 24.12
N LEU J 92 -8.07 -9.33 22.82
CA LEU J 92 -9.22 -9.86 22.10
C LEU J 92 -9.24 -11.39 22.12
N LEU J 93 -8.07 -12.01 22.19
CA LEU J 93 -8.01 -13.47 22.28
C LEU J 93 -8.31 -13.98 23.68
N PHE J 94 -7.62 -13.44 24.68
CA PHE J 94 -7.59 -14.09 25.99
C PHE J 94 -8.22 -13.32 27.16
N ALA J 95 -8.62 -12.07 26.91
CA ALA J 95 -9.27 -11.25 27.93
C ALA J 95 -10.28 -10.31 27.26
N ASN J 96 -11.14 -10.91 26.44
CA ASN J 96 -12.05 -10.15 25.58
C ASN J 96 -13.11 -9.40 26.41
N PRO J 97 -13.16 -8.06 26.28
CA PRO J 97 -14.07 -7.23 27.07
C PRO J 97 -15.46 -7.09 26.45
N PHE J 98 -15.67 -7.72 25.30
CA PHE J 98 -16.95 -7.64 24.59
C PHE J 98 -17.85 -8.86 24.83
N ILE J 99 -17.25 -10.04 24.94
CA ILE J 99 -18.03 -11.27 24.99
C ILE J 99 -18.95 -11.40 26.20
N SER J 100 -18.49 -10.94 27.36
CA SER J 100 -19.30 -11.04 28.58
C SER J 100 -20.16 -9.79 28.81
N SER J 101 -20.68 -9.23 27.71
CA SER J 101 -21.41 -7.97 27.76
C SER J 101 -22.90 -8.10 27.48
N THR J 102 -23.68 -7.19 28.07
CA THR J 102 -25.14 -7.18 27.96
C THR J 102 -25.68 -6.44 26.72
N ALA J 103 -24.88 -5.51 26.19
CA ALA J 103 -25.35 -4.60 25.14
C ALA J 103 -25.70 -5.29 23.82
N SER J 104 -26.13 -4.48 22.86
CA SER J 104 -26.46 -4.93 21.50
C SER J 104 -25.33 -5.74 20.87
N VAL J 105 -25.70 -6.85 20.21
CA VAL J 105 -24.72 -7.70 19.56
C VAL J 105 -24.05 -6.97 18.38
N TRP J 106 -24.80 -6.18 17.64
CA TRP J 106 -24.24 -5.44 16.51
C TRP J 106 -23.16 -4.46 16.98
N ILE J 107 -23.42 -3.77 18.08
CA ILE J 107 -22.48 -2.76 18.57
C ILE J 107 -21.20 -3.38 19.12
N LEU J 108 -21.36 -4.44 19.91
CA LEU J 108 -20.21 -5.15 20.46
C LEU J 108 -19.37 -5.79 19.35
N SER J 109 -20.02 -6.45 18.41
CA SER J 109 -19.32 -7.05 17.28
C SER J 109 -18.56 -6.01 16.46
N ALA J 110 -19.25 -4.94 16.06
CA ALA J 110 -18.60 -3.90 15.26
C ALA J 110 -17.42 -3.28 16.02
N SER J 111 -17.61 -3.04 17.31
CA SER J 111 -16.54 -2.47 18.14
C SER J 111 -15.31 -3.36 18.24
N ALA J 112 -15.52 -4.67 18.37
CA ALA J 112 -14.42 -5.63 18.39
C ALA J 112 -13.60 -5.51 17.12
N MET J 113 -14.28 -5.54 15.97
CA MET J 113 -13.58 -5.45 14.70
C MET J 113 -12.95 -4.07 14.54
N ALA J 114 -13.72 -3.04 14.87
CA ALA J 114 -13.23 -1.67 14.74
C ALA J 114 -11.93 -1.45 15.53
N SER J 115 -11.82 -2.11 16.69
CA SER J 115 -10.61 -2.02 17.52
C SER J 115 -9.38 -2.51 16.78
N GLY J 116 -9.53 -3.60 16.03
CA GLY J 116 -8.40 -4.11 15.25
C GLY J 116 -8.12 -3.23 14.04
N ILE J 117 -9.17 -2.74 13.39
CA ILE J 117 -9.01 -1.87 12.24
C ILE J 117 -8.17 -0.65 12.58
N ALA J 118 -8.47 0.00 13.71
CA ALA J 118 -7.74 1.19 14.14
C ALA J 118 -6.23 0.94 14.26
N MET J 119 -5.87 -0.25 14.74
CA MET J 119 -4.46 -0.58 14.98
C MET J 119 -3.62 -0.66 13.71
N ILE J 120 -4.28 -0.74 12.56
CA ILE J 120 -3.57 -0.73 11.28
C ILE J 120 -2.71 0.54 11.13
N ALA J 121 -3.11 1.61 11.81
CA ALA J 121 -2.36 2.85 11.81
C ALA J 121 -0.88 2.65 12.16
N GLY J 122 -0.60 1.59 12.94
CA GLY J 122 0.75 1.25 13.37
C GLY J 122 1.75 0.97 12.27
N ILE J 123 1.28 0.72 11.05
CA ILE J 123 2.17 0.58 9.90
C ILE J 123 3.01 1.84 9.73
N GLY J 124 2.38 3.00 9.91
CA GLY J 124 3.06 4.26 9.70
C GLY J 124 4.28 4.48 10.60
N PRO J 125 4.06 4.62 11.91
CA PRO J 125 5.17 4.74 12.86
C PRO J 125 6.23 3.63 12.74
N GLY J 126 5.85 2.38 12.56
CA GLY J 126 6.83 1.32 12.45
C GLY J 126 7.79 1.54 11.28
N THR J 127 7.24 1.94 10.14
CA THR J 127 8.04 2.17 8.92
C THR J 127 8.93 3.40 9.11
N GLY J 128 8.32 4.50 9.53
CA GLY J 128 9.02 5.77 9.67
C GLY J 128 10.11 5.75 10.73
N GLN J 129 9.80 5.17 11.88
CA GLN J 129 10.77 5.11 12.97
C GLN J 129 11.94 4.19 12.64
N GLY J 130 11.71 3.17 11.83
CA GLY J 130 12.78 2.27 11.42
C GLY J 130 13.71 2.97 10.42
N TYR J 131 13.12 3.76 9.53
CA TYR J 131 13.93 4.61 8.64
C TYR J 131 14.84 5.50 9.49
N ALA J 132 14.28 6.10 10.53
CA ALA J 132 15.05 7.01 11.37
C ALA J 132 16.21 6.28 12.07
N ALA J 133 15.95 5.04 12.50
CA ALA J 133 17.01 4.22 13.11
C ALA J 133 18.20 4.01 12.15
N GLY J 134 17.90 3.73 10.89
CA GLY J 134 18.94 3.49 9.89
C GLY J 134 19.76 4.72 9.61
N LYS J 135 19.11 5.88 9.54
CA LYS J 135 19.86 7.13 9.35
C LYS J 135 20.69 7.45 10.59
N GLY J 136 20.19 7.11 11.78
CA GLY J 136 20.97 7.31 13.00
C GLY J 136 22.25 6.47 12.94
N ALA J 137 22.09 5.20 12.55
CA ALA J 137 23.23 4.27 12.44
C ALA J 137 24.23 4.78 11.41
N GLU J 138 23.71 5.28 10.30
CA GLU J 138 24.56 5.83 9.26
C GLU J 138 25.33 7.04 9.78
N ALA J 139 24.64 7.95 10.46
CA ALA J 139 25.29 9.18 10.88
C ALA J 139 26.35 8.92 11.94
N VAL J 140 26.10 7.94 12.79
CA VAL J 140 27.03 7.64 13.89
C VAL J 140 28.30 7.01 13.33
N GLY J 141 28.15 6.21 12.28
CA GLY J 141 29.29 5.59 11.63
C GLY J 141 30.19 6.64 11.02
N ILE J 142 29.58 7.66 10.41
CA ILE J 142 30.34 8.78 9.86
C ILE J 142 30.98 9.66 10.94
N ARG J 143 30.23 10.02 12.00
CA ARG J 143 30.77 10.89 13.06
C ARG J 143 30.36 10.43 14.47
N PRO J 144 31.10 9.46 15.04
CA PRO J 144 30.76 8.84 16.32
C PRO J 144 30.78 9.81 17.49
N GLU J 145 31.57 10.87 17.40
CA GLU J 145 31.61 11.88 18.46
C GLU J 145 30.30 12.67 18.55
N MET J 146 29.46 12.57 17.51
CA MET J 146 28.18 13.26 17.54
C MET J 146 27.04 12.31 17.91
N LYS J 147 27.39 11.12 18.40
CA LYS J 147 26.40 10.06 18.57
C LYS J 147 25.28 10.47 19.54
N SER J 148 25.64 11.23 20.56
CA SER J 148 24.67 11.73 21.52
C SER J 148 23.66 12.68 20.87
N ALA J 149 24.16 13.66 20.12
CA ALA J 149 23.27 14.60 19.41
C ALA J 149 22.44 13.89 18.35
N ILE J 150 23.06 12.96 17.62
CA ILE J 150 22.32 12.17 16.65
C ILE J 150 21.20 11.33 17.32
N LEU J 151 21.53 10.68 18.42
CA LEU J 151 20.53 9.89 19.15
C LEU J 151 19.34 10.74 19.58
N ARG J 152 19.61 11.92 20.15
CA ARG J 152 18.54 12.78 20.68
C ARG J 152 17.58 13.27 19.59
N VAL J 153 18.12 13.75 18.48
CA VAL J 153 17.29 14.20 17.38
C VAL J 153 16.50 13.03 16.80
N MET J 154 17.14 11.87 16.69
CA MET J 154 16.45 10.70 16.19
C MET J 154 15.28 10.34 17.10
N LEU J 155 15.51 10.38 18.40
CA LEU J 155 14.46 10.02 19.36
C LEU J 155 13.33 11.06 19.40
N LEU J 156 13.68 12.35 19.38
CA LEU J 156 12.68 13.42 19.27
C LEU J 156 11.76 13.21 18.06
N GLY J 157 12.37 13.03 16.89
CA GLY J 157 11.59 12.83 15.68
C GLY J 157 10.77 11.55 15.73
N GLN J 158 11.34 10.51 16.32
CA GLN J 158 10.61 9.25 16.44
C GLN J 158 9.39 9.41 17.32
N ALA J 159 9.52 10.24 18.36
CA ALA J 159 8.41 10.53 19.27
C ALA J 159 7.29 11.22 18.52
N VAL J 160 7.64 12.26 17.75
CA VAL J 160 6.67 12.92 16.89
C VAL J 160 5.99 11.91 15.96
N ALA J 161 6.76 10.99 15.39
CA ALA J 161 6.21 10.00 14.47
C ALA J 161 5.26 9.01 15.16
N GLN J 162 5.27 8.97 16.49
CA GLN J 162 4.50 7.98 17.21
C GLN J 162 3.04 8.39 17.41
N THR J 163 2.77 9.69 17.36
CA THR J 163 1.48 10.20 17.85
C THR J 163 0.25 9.58 17.18
N THR J 164 0.30 9.37 15.87
CA THR J 164 -0.88 8.81 15.21
C THR J 164 -1.04 7.33 15.54
N GLY J 165 0.06 6.69 15.94
CA GLY J 165 0.00 5.34 16.47
C GLY J 165 -0.70 5.36 17.82
N ILE J 166 -0.41 6.40 18.60
CA ILE J 166 -1.07 6.55 19.90
C ILE J 166 -2.55 6.90 19.76
N TYR J 167 -2.87 7.78 18.82
CA TYR J 167 -4.27 8.18 18.61
C TYR J 167 -5.11 6.95 18.32
N ALA J 168 -4.54 6.07 17.50
CA ALA J 168 -5.20 4.83 17.10
C ALA J 168 -5.37 3.89 18.27
N LEU J 169 -4.30 3.72 19.05
CA LEU J 169 -4.36 2.91 20.26
C LEU J 169 -5.43 3.45 21.22
N ILE J 170 -5.53 4.78 21.32
CA ILE J 170 -6.54 5.39 22.18
C ILE J 170 -7.96 5.09 21.71
N VAL J 171 -8.18 5.15 20.39
CA VAL J 171 -9.50 4.84 19.84
C VAL J 171 -9.89 3.38 20.11
N ALA J 172 -8.93 2.48 19.98
CA ALA J 172 -9.19 1.07 20.27
C ALA J 172 -9.54 0.85 21.74
N LEU J 173 -8.80 1.51 22.64
CA LEU J 173 -9.03 1.33 24.07
C LEU J 173 -10.37 1.94 24.50
N ILE J 174 -10.80 2.98 23.79
CA ILE J 174 -12.10 3.57 24.05
C ILE J 174 -13.21 2.60 23.67
N LEU J 175 -13.11 2.05 22.46
CA LEU J 175 -14.06 1.03 22.01
C LEU J 175 -14.10 -0.13 23.00
N MET J 176 -12.95 -0.49 23.54
CA MET J 176 -12.85 -1.67 24.42
C MET J 176 -13.26 -1.42 25.86
N TYR J 177 -12.91 -0.25 26.42
CA TYR J 177 -13.07 -0.01 27.86
C TYR J 177 -13.88 1.23 28.25
N ALA J 178 -14.17 2.10 27.29
CA ALA J 178 -14.98 3.30 27.57
C ALA J 178 -15.91 3.61 26.40
N ASN J 179 -16.62 2.60 25.95
CA ASN J 179 -17.47 2.68 24.76
C ASN J 179 -18.72 3.55 24.98
N PRO J 180 -18.86 4.65 24.21
CA PRO J 180 -19.99 5.58 24.32
C PRO J 180 -21.29 5.02 23.74
N PHE J 181 -21.16 3.97 22.95
CA PHE J 181 -22.31 3.40 22.24
C PHE J 181 -23.09 2.42 23.11
N LEU J 182 -22.49 1.90 24.18
CA LEU J 182 -23.15 0.87 24.97
C LEU J 182 -24.26 1.45 25.86
NA NA K . 2.76 12.15 14.39
NA NA L . -0.87 17.85 6.49
C1 HTG M . -5.65 30.45 -7.12
S1 HTG M . -5.75 28.74 -6.71
C2 HTG M . -5.08 31.24 -5.94
O2 HTG M . -6.03 31.25 -4.87
C3 HTG M . -4.74 32.67 -6.32
O3 HTG M . -3.88 33.22 -5.31
C4 HTG M . -4.04 32.77 -7.67
O4 HTG M . -4.02 34.14 -8.11
C5 HTG M . -4.74 31.92 -8.72
O5 HTG M . -4.79 30.58 -8.24
C6 HTG M . -3.99 31.96 -10.05
O6 HTG M . -4.05 30.67 -10.67
C1' HTG M . -5.46 28.06 -8.31
C2' HTG M . -6.15 26.71 -8.42
C3' HTG M . -5.16 25.57 -8.58
C4' HTG M . -5.81 24.25 -8.19
C5' HTG M . -5.93 24.15 -6.67
C6' HTG M . -4.56 24.12 -6.01
C7' HTG M . -3.78 22.88 -6.43
NA NA N . -2.78 18.58 -3.80
MN MN O . -39.68 0.61 -4.43
C TAM P . 15.22 32.75 -16.05
C1 TAM P . 13.85 32.89 -15.40
C2 TAM P . 15.56 34.05 -16.76
C3 TAM P . 15.24 31.54 -16.97
C4 TAM P . 12.81 33.50 -16.34
C5 TAM P . 16.89 34.01 -17.51
C6 TAM P . 16.54 30.72 -16.85
N TAM P . 16.20 32.50 -14.98
O4 TAM P . 12.28 32.49 -17.21
O5 TAM P . 16.64 33.78 -18.91
O6 TAM P . 17.16 30.65 -18.13
NA NA Q . -2.46 13.93 -12.93
NA NA R . 0.05 5.35 -18.49
O1 P6G S . 26.43 16.58 -21.40
C2 P6G S . 27.42 15.68 -21.90
C3 P6G S . 27.93 14.77 -20.80
O4 P6G S . 27.70 15.40 -19.54
C5 P6G S . 28.58 14.93 -18.52
C6 P6G S . 28.29 15.75 -17.27
O7 P6G S . 27.18 16.56 -17.61
C8 P6G S . 26.91 17.59 -16.68
C9 P6G S . 25.76 18.42 -17.22
O10 P6G S . 25.33 19.30 -16.19
C11 P6G S . 25.17 20.61 -16.70
C12 P6G S . 26.00 21.55 -15.84
O13 P6G S . 25.14 22.50 -15.23
C14 P6G S . 24.32 23.07 -16.25
C15 P6G S . 23.93 24.51 -15.96
O16 P6G S . 23.43 25.00 -17.21
C1 HTG T . -22.04 -3.58 -27.09
S1 HTG T . -20.71 -4.59 -27.70
C2 HTG T . -22.36 -3.98 -25.66
O2 HTG T . -22.53 -5.39 -25.53
C3 HTG T . -23.62 -3.25 -25.19
O3 HTG T . -23.56 -3.02 -23.78
C4 HTG T . -23.85 -1.92 -25.93
O4 HTG T . -24.86 -2.09 -26.92
C5 HTG T . -22.60 -1.29 -26.56
O5 HTG T . -21.62 -2.23 -27.03
C6 HTG T . -21.88 -0.33 -25.60
O6 HTG T . -22.76 0.75 -25.25
C1' HTG T . -19.56 -3.33 -28.14
C2' HTG T . -18.27 -3.98 -28.59
C3' HTG T . -17.77 -5.04 -27.60
C4' HTG T . -16.72 -4.47 -26.65
C5' HTG T . -15.81 -5.58 -26.14
C6' HTG T . -14.77 -5.06 -25.16
C7' HTG T . -13.70 -6.09 -24.88
C1 HTG U . 12.94 -2.37 -30.16
S1 HTG U . 11.43 -1.91 -29.36
C2 HTG U . 14.10 -1.76 -29.36
O2 HTG U . 14.18 -0.35 -29.60
C3 HTG U . 15.45 -2.38 -29.69
O3 HTG U . 16.41 -2.04 -28.68
C4 HTG U . 15.36 -3.90 -29.82
O4 HTG U . 16.60 -4.46 -30.26
C5 HTG U . 14.25 -4.20 -30.82
O5 HTG U . 13.04 -3.79 -30.22
C6 HTG U . 14.24 -5.69 -31.18
O6 HTG U . 15.49 -6.05 -31.77
C1' HTG U . 10.36 -3.22 -29.88
C2' HTG U . 9.02 -3.09 -29.17
C3' HTG U . 9.11 -3.49 -27.70
C4' HTG U . 7.73 -3.70 -27.09
C5' HTG U . 7.01 -2.40 -26.79
C6' HTG U . 5.55 -2.61 -26.40
C7' HTG U . 5.41 -3.44 -25.15
NA NA V . 4.05 -4.26 -18.41
C1 HTG W . 13.02 -9.93 -24.25
S1 HTG W . 11.48 -9.60 -25.08
C2 HTG W . 13.37 -11.41 -24.42
O2 HTG W . 12.65 -12.18 -23.44
C3 HTG W . 14.85 -11.73 -24.27
O3 HTG W . 15.12 -13.00 -24.88
C4 HTG W . 15.72 -10.66 -24.90
O4 HTG W . 17.12 -10.91 -24.65
C5 HTG W . 15.31 -9.31 -24.33
O5 HTG W . 14.00 -9.06 -24.81
C6 HTG W . 16.24 -8.20 -24.75
O6 HTG W . 16.40 -8.22 -26.18
C1' HTG W . 11.49 -7.84 -25.05
C2' HTG W . 10.13 -7.30 -25.46
C3' HTG W . 9.50 -6.51 -24.31
C4' HTG W . 9.42 -7.36 -23.06
C5' HTG W . 8.02 -7.90 -22.83
C6' HTG W . 7.22 -6.95 -21.94
C7' HTG W . 5.77 -7.37 -21.87
C ACT X . -30.70 -18.90 -0.94
O ACT X . -31.73 -18.65 -1.62
OXT ACT X . -29.62 -18.44 -1.39
CH3 ACT X . -30.76 -19.72 0.31
NA NA Y . 8.25 -11.94 -12.70
C ACT Z . -10.31 -32.62 -5.77
O ACT Z . -11.05 -31.72 -6.24
OXT ACT Z . -9.34 -32.97 -6.48
CH3 ACT Z . -10.60 -33.27 -4.45
C1 HTG AA . -4.43 -32.96 -4.92
S1 HTG AA . -4.06 -31.24 -4.79
C2 HTG AA . -5.96 -33.11 -4.99
O2 HTG AA . -6.53 -32.77 -3.72
C3 HTG AA . -6.36 -34.52 -5.37
O3 HTG AA . -7.77 -34.56 -5.65
C4 HTG AA . -5.61 -34.99 -6.61
O4 HTG AA . -5.91 -36.36 -6.89
C5 HTG AA . -4.10 -34.83 -6.39
O5 HTG AA . -3.82 -33.46 -6.11
C6 HTG AA . -3.34 -35.24 -7.63
O6 HTG AA . -3.56 -34.28 -8.66
C1' HTG AA . -2.32 -31.29 -5.09
C2' HTG AA . -1.78 -29.87 -5.20
C3' HTG AA . -0.26 -29.89 -5.25
C4' HTG AA . 0.32 -30.53 -3.99
C5' HTG AA . 0.79 -29.48 -2.99
C6' HTG AA . 2.05 -28.80 -3.48
C7' HTG AA . 2.52 -27.73 -2.51
C1 HTG BA . 23.70 -21.16 -6.44
S1 HTG BA . 22.65 -22.26 -5.56
C2 HTG BA . 25.18 -21.45 -6.23
O2 HTG BA . 25.48 -21.50 -4.83
C3 HTG BA . 25.98 -20.33 -6.90
O3 HTG BA . 27.37 -20.63 -6.84
C4 HTG BA . 25.56 -20.15 -8.36
O4 HTG BA . 26.01 -18.87 -8.81
C5 HTG BA . 24.04 -20.24 -8.60
O5 HTG BA . 23.45 -21.29 -7.84
C6 HTG BA . 23.73 -20.49 -10.07
O6 HTG BA . 22.78 -21.56 -10.17
C1' HTG BA . 21.14 -21.69 -6.25
C2' HTG BA . 20.11 -21.38 -5.17
C3' HTG BA . 19.01 -20.48 -5.72
C4' HTG BA . 18.59 -20.91 -7.12
C5' HTG BA . 17.31 -20.21 -7.59
C6' HTG BA . 16.10 -20.67 -6.80
C7' HTG BA . 14.82 -20.19 -7.45
C1 HTG CA . 17.37 -18.18 -14.88
S1 HTG CA . 16.69 -16.55 -14.67
C2 HTG CA . 18.66 -18.12 -15.73
O2 HTG CA . 18.65 -19.19 -16.69
C3 HTG CA . 19.98 -18.17 -14.95
O3 HTG CA . 20.72 -16.96 -15.18
C4 HTG CA . 19.77 -18.34 -13.45
O4 HTG CA . 20.99 -18.74 -12.83
C5 HTG CA . 18.70 -19.39 -13.24
O5 HTG CA . 17.45 -18.80 -13.58
C6 HTG CA . 18.65 -19.82 -11.77
O6 HTG CA . 17.46 -20.56 -11.51
C1' HTG CA . 15.06 -16.80 -15.29
C2' HTG CA . 14.18 -15.59 -14.98
C3' HTG CA . 13.44 -15.74 -13.65
C4' HTG CA . 11.93 -15.63 -13.82
C5' HTG CA . 11.28 -16.98 -14.15
C6' HTG CA . 9.81 -16.82 -14.52
C7' HTG CA . 9.11 -18.16 -14.57
NA NA DA . 11.22 -15.29 -3.37
C1 HTG EA . -2.20 -34.69 1.61
S1 HTG EA . -1.70 -34.45 3.29
C2 HTG EA . -3.72 -34.84 1.57
O2 HTG EA . -4.12 -35.95 2.39
C3 HTG EA . -4.18 -35.05 0.14
O3 HTG EA . -5.60 -35.08 0.08
C4 HTG EA . -3.65 -33.92 -0.75
O4 HTG EA . -3.92 -34.26 -2.11
C5 HTG EA . -2.16 -33.71 -0.57
O5 HTG EA . -1.85 -33.55 0.82
C6 HTG EA . -1.71 -32.46 -1.33
O6 HTG EA . -0.51 -31.93 -0.73
C1' HTG EA . -0.81 -32.94 3.13
C2' HTG EA . -0.49 -32.40 4.53
C3' HTG EA . -0.84 -30.92 4.64
C4' HTG EA . 0.39 -30.09 4.95
C5' HTG EA . 0.00 -28.67 5.34
C6' HTG EA . 1.13 -27.96 6.08
C7' HTG EA . 2.30 -27.66 5.17
C1 HTG FA . -2.36 -32.41 10.84
S1 HTG FA . -1.53 -31.54 12.13
C2 HTG FA . -1.92 -33.85 10.71
O2 HTG FA . -0.51 -33.99 10.96
C3 HTG FA . -2.29 -34.19 9.29
O3 HTG FA . -1.86 -35.51 8.95
C4 HTG FA . -3.80 -34.04 9.09
O4 HTG FA . -4.08 -34.03 7.68
C5 HTG FA . -4.36 -32.74 9.69
O5 HTG FA . -3.78 -32.41 10.96
C6 HTG FA . -5.89 -32.79 9.80
O6 HTG FA . -6.43 -33.15 8.52
C1' HTG FA . -1.35 -30.05 11.20
C2' HTG FA . -0.21 -29.22 11.73
C3' HTG FA . 0.23 -28.19 10.69
C4' HTG FA . 1.28 -28.78 9.76
C5' HTG FA . 2.63 -28.13 10.02
C6' HTG FA . 3.76 -28.86 9.29
C7' HTG FA . 5.02 -28.03 9.28
NA NA GA . 12.14 -13.22 6.81
C ACT HA . -22.04 -24.25 19.24
O ACT HA . -22.47 -25.39 18.91
OXT ACT HA . -22.15 -23.34 18.37
CH3 ACT HA . -21.45 -24.00 20.59
C ACT IA . -8.82 -25.15 20.67
O ACT IA . -8.45 -24.82 19.51
OXT ACT IA . -9.91 -24.69 21.07
CH3 ACT IA . -8.00 -26.05 21.55
C1 HTG JA . -1.77 -30.05 16.71
S1 HTG JA . -0.03 -29.77 16.63
C2 HTG JA . -2.11 -31.17 15.73
O2 HTG JA . -1.54 -30.84 14.45
C3 HTG JA . -3.61 -31.36 15.61
O3 HTG JA . -3.90 -32.73 15.28
C4 HTG JA . -4.35 -30.97 16.90
O4 HTG JA . -4.96 -29.68 16.72
C5 HTG JA . -3.49 -30.99 18.17
O5 HTG JA . -2.16 -30.47 18.03
C6 HTG JA . -3.41 -32.40 18.76
O6 HTG JA . -2.90 -32.32 20.10
C1' HTG JA . -0.04 -28.05 16.27
C2' HTG JA . 0.53 -27.84 14.86
C3' HTG JA . 2.05 -27.80 14.84
C4' HTG JA . 2.53 -26.51 14.18
C5' HTG JA . 1.93 -25.30 14.91
C6' HTG JA . 2.48 -25.19 16.33
C7' HTG JA . 3.92 -24.72 16.32
C1 HTG KA . -1.43 -26.78 20.33
S1 HTG KA . -0.28 -25.76 19.45
C2 HTG KA . -0.76 -28.07 20.79
O2 HTG KA . -0.29 -28.80 19.65
C3 HTG KA . -1.73 -28.94 21.59
O3 HTG KA . -1.02 -30.02 22.18
C4 HTG KA . -2.40 -28.11 22.69
O4 HTG KA . -3.42 -28.89 23.33
C5 HTG KA . -2.99 -26.84 22.09
O5 HTG KA . -1.95 -26.09 21.47
C6 HTG KA . -3.69 -26.01 23.16
O6 HTG KA . -4.69 -26.80 23.81
C1' HTG KA . -0.91 -24.16 19.81
C2' HTG KA . -0.63 -23.17 18.68
C3' HTG KA . 0.85 -22.85 18.54
C4' HTG KA . 1.13 -21.38 18.81
C5' HTG KA . 0.65 -20.97 20.20
C6' HTG KA . 1.48 -19.81 20.75
C7' HTG KA . 2.92 -20.22 20.99
C1 HTG LA . 26.63 -14.87 13.23
S1 HTG LA . 25.20 -14.45 14.17
C2 HTG LA . 27.40 -15.97 13.94
O2 HTG LA . 27.74 -15.55 15.27
C3 HTG LA . 28.66 -16.28 13.15
O3 HTG LA . 29.35 -17.38 13.74
C4 HTG LA . 28.31 -16.63 11.70
O4 HTG LA . 29.51 -16.64 10.92
C5 HTG LA . 27.34 -15.62 11.07
O5 HTG LA . 26.24 -15.34 11.93
C6 HTG LA . 26.80 -16.16 9.75
O6 HTG LA . 27.85 -16.80 9.01
C1' HTG LA . 25.18 -12.71 13.89
C2' HTG LA . 23.73 -12.23 13.91
C3' HTG LA . 22.91 -12.97 14.96
C4' HTG LA . 21.45 -13.05 14.52
C5' HTG LA . 20.56 -13.55 15.65
C6' HTG LA . 20.73 -12.67 16.88
C7' HTG LA . 19.75 -13.03 17.98
C1 HTG MA . 24.62 -7.00 20.28
S1 HTG MA . 23.71 -7.75 21.60
C2 HTG MA . 25.56 -5.94 20.86
O2 HTG MA . 24.79 -4.86 21.40
C3 HTG MA . 26.52 -5.39 19.80
O3 HTG MA . 27.51 -4.57 20.41
C4 HTG MA . 27.19 -6.53 19.04
O4 HTG MA . 28.00 -6.01 17.98
C5 HTG MA . 26.11 -7.45 18.47
O5 HTG MA . 25.34 -8.00 19.56
C6 HTG MA . 26.70 -8.56 17.62
O6 HTG MA . 27.30 -7.99 16.45
C1' HTG MA . 22.18 -8.04 20.80
C2' HTG MA . 21.03 -7.85 21.78
C3' HTG MA . 19.70 -7.78 21.02
C4' HTG MA . 18.60 -7.19 21.89
C5' HTG MA . 17.43 -6.71 21.02
C6' HTG MA . 17.22 -5.21 21.17
C7' HTG MA . 16.09 -4.73 20.26
NA NA NA . 10.60 -6.48 14.62
C1 HTG OA . 22.09 5.83 26.22
S1 HTG OA . 21.22 6.89 27.35
C2 HTG OA . 23.57 6.18 26.13
O2 HTG OA . 23.76 7.55 25.77
C3 HTG OA . 24.25 5.29 25.08
O3 HTG OA . 25.65 5.21 25.38
C4 HTG OA . 23.71 3.86 24.98
O4 HTG OA . 23.61 3.54 23.59
C5 HTG OA . 22.34 3.59 25.62
O5 HTG OA . 22.04 4.50 26.68
C6 HTG OA . 22.26 2.17 26.16
O6 HTG OA . 22.81 2.12 27.47
C1' HTG OA . 19.70 5.99 27.50
C2' HTG OA . 19.16 5.56 26.15
C3' HTG OA . 18.09 6.50 25.59
C4' HTG OA . 16.68 5.96 25.82
C5' HTG OA . 16.30 4.91 24.79
C6' HTG OA . 14.78 4.72 24.76
C7' HTG OA . 14.38 3.59 23.84
C1 HTG PA . 15.55 16.12 23.53
S1 HTG PA . 15.77 14.56 24.35
C2 HTG PA . 15.61 17.29 24.51
O2 HTG PA . 14.58 17.17 25.49
C3 HTG PA . 15.47 18.62 23.77
O3 HTG PA . 15.79 19.69 24.67
C4 HTG PA . 16.38 18.68 22.54
O4 HTG PA . 16.04 19.82 21.75
C5 HTG PA . 16.19 17.42 21.69
O5 HTG PA . 16.53 16.30 22.51
C6 HTG PA . 17.03 17.43 20.42
O6 HTG PA . 18.43 17.49 20.76
C1' HTG PA . 15.71 13.49 22.96
C2' HTG PA . 14.26 13.20 22.61
C3' HTG PA . 13.37 12.99 23.83
C4' HTG PA . 12.28 11.99 23.45
C5' HTG PA . 10.96 12.30 24.14
C6' HTG PA . 10.44 13.67 23.73
C7' HTG PA . 9.04 13.88 24.27
C1 HTG QA . 9.60 21.28 21.80
S1 HTG QA . 8.04 20.87 21.06
C2 HTG QA . 10.17 19.98 22.37
O2 HTG QA . 9.51 19.66 23.61
C3 HTG QA . 11.68 20.04 22.61
O3 HTG QA . 12.17 18.73 22.94
C4 HTG QA . 12.35 20.55 21.35
O4 HTG QA . 13.77 20.53 21.47
C5 HTG QA . 11.83 21.96 21.14
O5 HTG QA . 10.44 21.88 20.80
C6 HTG QA . 12.57 22.67 20.01
O6 HTG QA . 13.96 22.30 20.03
C1' HTG QA . 7.79 22.28 20.02
C2' HTG QA . 6.64 22.01 19.04
C3' HTG QA . 6.57 20.54 18.64
C4' HTG QA . 5.71 20.33 17.40
C5' HTG QA . 5.43 18.85 17.15
C6' HTG QA . 4.64 18.63 15.86
C7' HTG QA . 3.94 17.29 15.85
C1 HTG RA . 12.12 9.68 28.59
S1 HTG RA . 11.69 8.73 27.15
C2 HTG RA . 13.64 9.67 28.80
O2 HTG RA . 14.07 8.32 29.07
C3 HTG RA . 14.04 10.55 29.97
O3 HTG RA . 15.46 10.71 29.95
C4 HTG RA . 13.39 11.92 29.89
O4 HTG RA . 13.60 12.62 31.13
C5 HTG RA . 11.88 11.80 29.63
O5 HTG RA . 11.67 11.03 28.44
C6 HTG RA . 11.24 13.17 29.48
O6 HTG RA . 9.87 13.11 29.86
C1' HTG RA . 13.15 8.86 26.17
C2' HTG RA . 12.98 8.06 24.88
C3' HTG RA . 11.77 8.56 24.12
C4' HTG RA . 11.56 7.79 22.82
C5' HTG RA . 10.16 8.06 22.30
C6' HTG RA . 9.99 7.53 20.88
C7' HTG RA . 8.54 7.18 20.63
C1 HTG SA . -5.56 -4.01 29.86
S1 HTG SA . -4.05 -3.24 29.36
C2 HTG SA . -5.28 -5.42 30.34
O2 HTG SA . -4.77 -6.21 29.25
C3 HTG SA . -6.54 -6.08 30.89
O3 HTG SA . -6.21 -7.33 31.50
C4 HTG SA . -7.21 -5.17 31.91
O4 HTG SA . -8.47 -5.73 32.31
C5 HTG SA . -7.43 -3.78 31.31
O5 HTG SA . -6.17 -3.25 30.91
C6 HTG SA . -8.11 -2.84 32.28
O6 HTG SA . -9.41 -3.36 32.62
C1' HTG SA . -4.66 -1.91 28.39
C2' HTG SA . -3.50 -1.10 27.86
C3' HTG SA . -2.54 -1.96 27.05
C4' HTG SA . -1.20 -1.25 26.84
C5' HTG SA . -0.41 -1.93 25.74
C6' HTG SA . 1.09 -1.60 25.82
C7' HTG SA . 1.76 -2.46 26.87
C1 HTG TA . -24.88 -19.52 3.30
S1 HTG TA . -25.46 -17.97 3.92
C2 HTG TA . -24.57 -20.45 4.46
O2 HTG TA . -23.71 -19.79 5.38
C3 HTG TA . -23.89 -21.69 3.89
O3 HTG TA . -23.65 -22.62 4.95
C4 HTG TA . -24.77 -22.34 2.83
O4 HTG TA . -23.96 -23.28 2.11
C5 HTG TA . -25.35 -21.33 1.83
O5 HTG TA . -25.85 -20.14 2.47
C6 HTG TA . -26.44 -21.96 0.99
O6 HTG TA . -27.75 -21.62 1.48
C1' HTG TA . -24.06 -16.96 3.56
C2' HTG TA . -24.45 -15.48 3.61
C3' HTG TA . -24.14 -14.82 4.93
C4' HTG TA . -22.80 -14.08 4.89
C5' HTG TA . -22.73 -12.94 5.89
C6' HTG TA . -21.33 -12.33 5.93
C7' HTG TA . -21.30 -11.04 6.74
#